data_6PYP
#
_entry.id   6PYP
#
_cell.length_a   63.330
_cell.length_b   76.560
_cell.length_c   64.610
_cell.angle_alpha   90.000
_cell.angle_beta   96.570
_cell.angle_gamma   90.000
#
_symmetry.space_group_name_H-M   'P 1 21 1'
#
loop_
_entity.id
_entity.type
_entity.pdbx_description
1 polymer 'Glycerol-3-phosphate dehydrogenase [NAD(+)], cytoplasmic'
2 non-polymer NICOTINAMIDE-ADENINE-DINUCLEOTIDE
3 non-polymer 'PHOSPHATE ION'
4 non-polymer 2,2-bis(hydroxymethyl)propane-1,3-diol
5 non-polymer 'PYROPHOSPHATE 2-'
6 non-polymer 'POTASSIUM ION'
7 water water
#
_entity_poly.entity_id   1
_entity_poly.type   'polypeptide(L)'
_entity_poly.pdbx_seq_one_letter_code
;MASKKVCIVGSGNWGSAIAKIVGGNAAQLAQFDPRVTMWVFEEDIGGKKLTEIINTQHENVKYLPGHKLPPNVVAVPDVV
QAAEDADILIFVVPHQFIGKICDQLKGHLKANATGISLIKGVDEGPNGLKLISEVIGERLGIPMSVLMGANIASEVADEK
FCETTIGCKDPAQGQLLKELMQTPNFRITVVQEVDTVEICGALKNVVAVGAGFCDGLGFGDNTKAAVIRLGLMEMIAFAK
LFCSGPVSSATFLESCGVADLITTCYGGANRKVAEAFARTGKSIEQLEKELLNGQKLQGPETARELYSILQHKGLVDKFP
LFMAVYKVCYEGQPVGEFIHCLQNHPEHM
;
_entity_poly.pdbx_strand_id   A,B
#
# COMPACT_ATOMS: atom_id res chain seq x y z
N ALA A 2 30.97 -1.28 -29.64
CA ALA A 2 31.20 -2.40 -28.74
C ALA A 2 30.49 -2.17 -27.40
N SER A 3 31.12 -1.43 -26.50
CA SER A 3 30.44 -1.00 -25.29
C SER A 3 29.31 -0.03 -25.65
N LYS A 4 28.27 -0.04 -24.83
CA LYS A 4 27.05 0.70 -25.13
C LYS A 4 27.20 2.13 -24.65
N LYS A 5 26.86 3.09 -25.51
CA LYS A 5 26.97 4.49 -25.18
C LYS A 5 25.63 4.99 -24.66
N VAL A 6 25.70 5.82 -23.64
CA VAL A 6 24.53 6.31 -22.95
C VAL A 6 24.48 7.82 -23.11
N CYS A 7 23.30 8.33 -23.37
CA CYS A 7 23.03 9.75 -23.26
C CYS A 7 21.89 9.93 -22.29
N ILE A 8 22.10 10.80 -21.30
CA ILE A 8 21.07 11.26 -20.38
C ILE A 8 20.48 12.54 -20.97
N VAL A 9 19.24 12.44 -21.45
CA VAL A 9 18.51 13.56 -22.06
C VAL A 9 17.77 14.27 -20.93
N GLY A 10 18.43 15.25 -20.34
CA GLY A 10 17.89 16.00 -19.22
C GLY A 10 18.99 16.15 -18.20
N SER A 11 18.90 17.21 -17.41
CA SER A 11 19.94 17.57 -16.47
C SER A 11 19.36 18.37 -15.32
N GLY A 12 18.11 18.12 -14.97
CA GLY A 12 17.49 18.79 -13.85
C GLY A 12 17.87 18.15 -12.52
N ASN A 13 17.00 18.36 -11.54
CA ASN A 13 17.17 17.73 -10.24
C ASN A 13 17.26 16.22 -10.40
N TRP A 14 16.34 15.62 -11.15
CA TRP A 14 16.29 14.17 -11.33
C TRP A 14 17.35 13.71 -12.32
N GLY A 15 17.53 14.44 -13.41
CA GLY A 15 18.50 14.03 -14.39
C GLY A 15 19.92 14.07 -13.87
N SER A 16 20.22 15.00 -12.95
CA SER A 16 21.55 15.09 -12.35
C SER A 16 21.74 14.02 -11.29
N ALA A 17 20.70 13.74 -10.49
CA ALA A 17 20.76 12.59 -9.59
C ALA A 17 21.00 11.30 -10.37
N ILE A 18 20.33 11.15 -11.49
CA ILE A 18 20.50 9.95 -12.32
C ILE A 18 21.87 9.95 -12.97
N ALA A 19 22.37 11.14 -13.35
CA ALA A 19 23.74 11.21 -13.86
C ALA A 19 24.73 10.63 -12.85
N LYS A 20 24.58 11.02 -11.57
CA LYS A 20 25.48 10.51 -10.53
C LYS A 20 25.54 9.00 -10.58
N ILE A 21 24.39 8.34 -10.66
CA ILE A 21 24.35 6.89 -10.65
C ILE A 21 24.92 6.35 -11.95
N VAL A 22 24.40 6.85 -13.07
CA VAL A 22 24.72 6.25 -14.36
C VAL A 22 26.16 6.58 -14.73
N GLY A 23 26.59 7.81 -14.48
CA GLY A 23 28.00 8.12 -14.63
C GLY A 23 28.87 7.19 -13.79
N GLY A 24 28.49 6.99 -12.53
CA GLY A 24 29.20 6.02 -11.71
C GLY A 24 29.26 4.64 -12.34
N ASN A 25 28.11 4.08 -12.72
CA ASN A 25 28.11 2.69 -13.15
C ASN A 25 28.68 2.51 -14.54
N ALA A 26 28.56 3.52 -15.41
CA ALA A 26 29.16 3.41 -16.73
C ALA A 26 30.68 3.40 -16.62
N ALA A 27 31.23 4.29 -15.78
CA ALA A 27 32.67 4.27 -15.50
C ALA A 27 33.10 2.93 -14.93
N GLN A 28 32.32 2.38 -13.98
CA GLN A 28 32.70 1.14 -13.31
C GLN A 28 32.58 -0.07 -14.23
N LEU A 29 31.49 -0.17 -14.95
CA LEU A 29 31.09 -1.45 -15.54
C LEU A 29 31.63 -1.58 -16.94
N ALA A 30 32.15 -2.77 -17.24
CA ALA A 30 32.89 -2.95 -18.48
C ALA A 30 32.00 -2.72 -19.70
N GLN A 31 30.70 -3.07 -19.60
CA GLN A 31 29.87 -3.18 -20.80
C GLN A 31 29.34 -1.84 -21.26
N PHE A 32 29.68 -0.76 -20.56
CA PHE A 32 29.19 0.57 -20.83
C PHE A 32 30.36 1.51 -21.08
N ASP A 33 30.22 2.33 -22.12
CA ASP A 33 31.21 3.34 -22.40
C ASP A 33 31.25 4.34 -21.25
N PRO A 34 32.44 4.58 -20.67
CA PRO A 34 32.54 5.58 -19.59
C PRO A 34 32.07 6.94 -19.97
N ARG A 35 32.15 7.29 -21.25
CA ARG A 35 31.76 8.63 -21.65
C ARG A 35 30.23 8.67 -21.73
N VAL A 36 29.63 9.38 -20.77
CA VAL A 36 28.19 9.56 -20.68
C VAL A 36 27.91 11.01 -21.01
N THR A 37 27.20 11.25 -22.10
CA THR A 37 26.78 12.58 -22.42
C THR A 37 25.49 12.89 -21.66
N MET A 38 25.34 14.16 -21.29
CA MET A 38 24.14 14.67 -20.63
C MET A 38 23.78 15.96 -21.37
N TRP A 39 22.58 16.00 -21.92
CA TRP A 39 22.12 17.20 -22.60
C TRP A 39 21.66 18.24 -21.57
N VAL A 40 22.30 19.40 -21.60
CA VAL A 40 21.99 20.53 -20.72
C VAL A 40 21.42 21.69 -21.54
N PHE A 41 20.17 22.04 -21.29
CA PHE A 41 19.64 23.30 -21.79
C PHE A 41 20.47 24.45 -21.23
N GLU A 42 21.08 25.24 -22.12
CA GLU A 42 22.01 26.27 -21.71
C GLU A 42 21.32 27.42 -20.99
N GLU A 43 21.98 27.92 -19.94
CA GLU A 43 21.44 29.02 -19.13
C GLU A 43 22.59 29.94 -18.73
N ASP A 44 22.30 31.24 -18.70
CA ASP A 44 23.25 32.24 -18.21
C ASP A 44 23.36 32.09 -16.70
N ILE A 45 24.45 31.49 -16.23
CA ILE A 45 24.63 31.28 -14.80
C ILE A 45 25.36 32.50 -14.25
N GLY A 46 24.67 33.64 -14.23
CA GLY A 46 25.29 34.89 -13.83
C GLY A 46 26.45 35.28 -14.71
N GLY A 47 26.40 34.94 -16.00
CA GLY A 47 27.47 35.29 -16.93
C GLY A 47 28.16 34.11 -17.58
N LYS A 48 28.43 33.06 -16.81
CA LYS A 48 29.09 31.87 -17.32
C LYS A 48 28.06 30.85 -17.79
N LYS A 49 28.39 30.16 -18.88
CA LYS A 49 27.49 29.15 -19.43
C LYS A 49 27.36 27.99 -18.45
N LEU A 50 26.11 27.57 -18.20
CA LEU A 50 25.87 26.48 -17.25
C LEU A 50 26.58 25.20 -17.69
N THR A 51 26.59 24.89 -18.98
CA THR A 51 27.30 23.70 -19.43
C THR A 51 28.80 23.83 -19.20
N GLU A 52 29.31 25.08 -19.24
CA GLU A 52 30.70 25.35 -18.87
C GLU A 52 30.93 25.07 -17.39
N ILE A 53 30.05 25.60 -16.54
CA ILE A 53 30.20 25.40 -15.11
C ILE A 53 30.17 23.91 -14.75
N ILE A 54 29.40 23.11 -15.49
CA ILE A 54 29.29 21.68 -15.17
C ILE A 54 30.55 20.93 -15.57
N ASN A 55 31.06 21.19 -16.77
CA ASN A 55 32.26 20.48 -17.23
C ASN A 55 33.52 20.89 -16.45
N THR A 56 33.55 22.12 -15.91
CA THR A 56 34.71 22.55 -15.11
C THR A 56 34.57 22.16 -13.63
N GLN A 57 33.45 22.51 -13.00
CA GLN A 57 33.23 22.26 -11.59
C GLN A 57 32.60 20.90 -11.30
N HIS A 58 32.00 20.26 -12.30
CA HIS A 58 31.31 18.98 -12.12
C HIS A 58 30.25 19.09 -11.04
N GLU A 59 29.34 20.03 -11.26
CA GLU A 59 28.28 20.28 -10.30
C GLU A 59 27.20 21.06 -11.00
N ASN A 60 25.97 20.57 -10.94
CA ASN A 60 24.87 21.31 -11.52
C ASN A 60 24.48 22.31 -10.43
N VAL A 61 25.24 23.40 -10.38
CA VAL A 61 25.13 24.39 -9.33
C VAL A 61 23.70 24.84 -9.17
N LYS A 62 22.92 24.85 -10.26
CA LYS A 62 21.54 25.31 -10.17
C LYS A 62 20.62 24.20 -9.65
N TYR A 63 20.65 23.02 -10.28
CA TYR A 63 19.61 22.02 -10.08
C TYR A 63 19.97 20.89 -9.13
N LEU A 64 21.25 20.68 -8.86
CA LEU A 64 21.68 19.71 -7.84
C LEU A 64 22.90 20.26 -7.09
N PRO A 65 22.78 21.44 -6.49
CA PRO A 65 23.93 22.04 -5.81
C PRO A 65 24.36 21.21 -4.62
N GLY A 66 25.66 21.20 -4.39
CA GLY A 66 26.23 20.45 -3.31
C GLY A 66 26.63 19.03 -3.65
N HIS A 67 26.30 18.55 -4.86
CA HIS A 67 26.61 17.18 -5.25
C HIS A 67 27.62 17.16 -6.39
N LYS A 68 28.51 16.18 -6.35
CA LYS A 68 29.58 16.04 -7.31
C LYS A 68 29.14 15.05 -8.39
N LEU A 69 28.81 15.56 -9.56
CA LEU A 69 28.57 14.70 -10.70
C LEU A 69 29.89 14.06 -11.10
N PRO A 70 29.89 12.80 -11.52
CA PRO A 70 31.15 12.16 -11.89
C PRO A 70 31.80 12.90 -13.06
N PRO A 71 33.13 12.82 -13.15
CA PRO A 71 33.83 13.62 -14.19
C PRO A 71 33.64 13.11 -15.61
N ASN A 72 33.36 11.81 -15.77
CA ASN A 72 33.09 11.21 -17.08
C ASN A 72 31.70 11.56 -17.63
N VAL A 73 30.92 12.37 -16.95
CA VAL A 73 29.65 12.83 -17.47
C VAL A 73 29.86 14.21 -18.06
N VAL A 74 29.55 14.37 -19.34
CA VAL A 74 29.90 15.56 -20.11
C VAL A 74 28.63 16.29 -20.46
N ALA A 75 28.53 17.54 -20.00
CA ALA A 75 27.44 18.40 -20.42
C ALA A 75 27.58 18.81 -21.88
N VAL A 76 26.49 18.73 -22.62
CA VAL A 76 26.47 19.05 -24.05
C VAL A 76 25.24 19.90 -24.30
N PRO A 77 25.38 21.12 -24.84
CA PRO A 77 24.23 22.03 -24.95
C PRO A 77 23.29 21.68 -26.07
N ASP A 78 23.73 20.92 -27.07
CA ASP A 78 22.90 20.59 -28.22
C ASP A 78 22.46 19.14 -28.10
N VAL A 79 21.15 18.90 -28.02
CA VAL A 79 20.66 17.57 -27.70
C VAL A 79 21.02 16.58 -28.79
N VAL A 80 21.00 17.00 -30.05
CA VAL A 80 21.36 16.11 -31.13
C VAL A 80 22.81 15.66 -30.98
N GLN A 81 23.74 16.61 -30.72
CA GLN A 81 25.12 16.23 -30.48
C GLN A 81 25.23 15.32 -29.27
N ALA A 82 24.40 15.58 -28.24
CA ALA A 82 24.48 14.74 -27.05
C ALA A 82 24.09 13.29 -27.36
N ALA A 83 23.06 13.09 -28.19
CA ALA A 83 22.44 11.77 -28.38
C ALA A 83 22.87 11.08 -29.67
N GLU A 84 23.57 11.79 -30.54
CA GLU A 84 23.81 11.28 -31.89
C GLU A 84 24.43 9.89 -31.89
N ASP A 85 25.34 9.63 -30.95
CA ASP A 85 26.08 8.38 -30.88
C ASP A 85 25.57 7.40 -29.83
N ALA A 86 24.51 7.73 -29.09
CA ALA A 86 24.08 6.89 -27.97
C ALA A 86 23.36 5.65 -28.44
N ASP A 87 23.64 4.53 -27.80
CA ASP A 87 22.79 3.35 -27.95
C ASP A 87 21.60 3.35 -27.00
N ILE A 88 21.77 3.99 -25.85
CA ILE A 88 20.75 4.07 -24.82
C ILE A 88 20.47 5.54 -24.51
N LEU A 89 19.22 5.94 -24.63
CA LEU A 89 18.78 7.29 -24.33
C LEU A 89 17.94 7.27 -23.06
N ILE A 90 18.29 8.11 -22.11
CA ILE A 90 17.57 8.19 -20.85
C ILE A 90 16.86 9.54 -20.84
N PHE A 91 15.54 9.49 -20.98
CA PHE A 91 14.73 10.69 -21.06
C PHE A 91 14.28 11.11 -19.66
N VAL A 92 14.74 12.28 -19.24
CA VAL A 92 14.55 12.74 -17.87
C VAL A 92 14.39 14.26 -17.89
N VAL A 93 13.48 14.75 -18.70
CA VAL A 93 13.18 16.18 -18.70
C VAL A 93 11.77 16.40 -18.17
N PRO A 94 11.43 17.60 -17.71
CA PRO A 94 10.04 17.88 -17.39
C PRO A 94 9.14 17.55 -18.58
N HIS A 95 7.97 17.00 -18.27
CA HIS A 95 6.99 16.65 -19.30
C HIS A 95 6.79 17.79 -20.30
N GLN A 96 6.86 19.04 -19.83
CA GLN A 96 6.56 20.17 -20.72
C GLN A 96 7.57 20.33 -21.85
N PHE A 97 8.78 19.81 -21.71
CA PHE A 97 9.79 19.98 -22.75
C PHE A 97 10.01 18.74 -23.61
N ILE A 98 9.37 17.62 -23.30
CA ILE A 98 9.69 16.38 -24.01
C ILE A 98 9.33 16.51 -25.49
N GLY A 99 8.25 17.21 -25.79
CA GLY A 99 7.84 17.33 -27.18
C GLY A 99 8.89 18.04 -28.01
N LYS A 100 9.39 19.17 -27.51
CA LYS A 100 10.42 19.94 -28.18
C LYS A 100 11.68 19.09 -28.37
N ILE A 101 12.10 18.40 -27.33
CA ILE A 101 13.32 17.61 -27.43
C ILE A 101 13.17 16.50 -28.46
N CYS A 102 12.04 15.81 -28.47
CA CYS A 102 11.82 14.80 -29.49
C CYS A 102 11.81 15.40 -30.88
N ASP A 103 11.26 16.62 -31.02
CA ASP A 103 11.24 17.24 -32.34
C ASP A 103 12.66 17.49 -32.85
N GLN A 104 13.57 17.89 -31.97
CA GLN A 104 14.94 18.08 -32.42
C GLN A 104 15.62 16.75 -32.72
N LEU A 105 15.30 15.69 -31.96
CA LEU A 105 15.99 14.42 -32.10
C LEU A 105 15.47 13.58 -33.25
N LYS A 106 14.20 13.69 -33.60
CA LYS A 106 13.58 12.90 -34.65
C LYS A 106 14.49 12.78 -35.85
N GLY A 107 14.83 11.54 -36.22
CA GLY A 107 15.64 11.31 -37.39
C GLY A 107 17.13 11.49 -37.22
N HIS A 108 17.62 11.78 -36.02
CA HIS A 108 19.05 11.97 -35.79
C HIS A 108 19.65 10.93 -34.86
N LEU A 109 18.94 9.86 -34.57
CA LEU A 109 19.45 8.86 -33.64
C LEU A 109 20.19 7.74 -34.37
N LYS A 110 21.09 7.12 -33.63
CA LYS A 110 21.83 5.96 -34.10
C LYS A 110 20.88 4.82 -34.42
N ALA A 111 21.25 4.04 -35.44
CA ALA A 111 20.44 2.88 -35.77
C ALA A 111 20.32 1.98 -34.56
N ASN A 112 19.14 1.43 -34.35
CA ASN A 112 18.89 0.51 -33.22
C ASN A 112 19.02 1.19 -31.86
N ALA A 113 19.00 2.51 -31.78
CA ALA A 113 19.02 3.15 -30.48
C ALA A 113 17.75 2.81 -29.70
N THR A 114 17.86 2.80 -28.37
CA THR A 114 16.73 2.50 -27.50
C THR A 114 16.63 3.55 -26.40
N GLY A 115 15.45 3.62 -25.78
CA GLY A 115 15.16 4.68 -24.86
C GLY A 115 14.49 4.15 -23.61
N ILE A 116 14.66 4.90 -22.53
CA ILE A 116 13.95 4.65 -21.28
C ILE A 116 13.51 5.99 -20.75
N SER A 117 12.21 6.10 -20.43
CA SER A 117 11.60 7.32 -19.94
C SER A 117 11.51 7.26 -18.43
N LEU A 118 12.02 8.30 -17.80
CA LEU A 118 11.89 8.52 -16.36
C LEU A 118 10.85 9.59 -16.06
N ILE A 119 10.08 9.99 -17.07
CA ILE A 119 9.17 11.12 -16.99
C ILE A 119 7.84 10.61 -16.41
N LYS A 120 7.51 11.03 -15.20
CA LYS A 120 6.26 10.57 -14.59
C LYS A 120 5.09 11.43 -15.03
N GLY A 121 3.93 10.81 -15.11
CA GLY A 121 2.75 11.56 -15.50
C GLY A 121 2.19 11.03 -16.79
N VAL A 122 1.35 11.80 -17.48
CA VAL A 122 0.67 11.27 -18.66
C VAL A 122 0.41 12.42 -19.62
N ASP A 123 0.25 12.07 -20.89
CA ASP A 123 0.05 13.01 -21.98
C ASP A 123 -1.40 12.90 -22.48
N GLU A 124 -1.70 13.63 -23.56
CA GLU A 124 -3.02 13.60 -24.20
C GLU A 124 -2.93 12.90 -25.54
N GLY A 125 -4.01 12.19 -25.89
CA GLY A 125 -4.00 11.45 -27.13
C GLY A 125 -5.38 11.10 -27.64
N PRO A 126 -5.43 10.36 -28.76
CA PRO A 126 -6.74 9.96 -29.30
C PRO A 126 -7.57 9.15 -28.31
N ASN A 127 -6.94 8.24 -27.57
CA ASN A 127 -7.64 7.50 -26.52
C ASN A 127 -7.78 8.31 -25.24
N GLY A 128 -7.72 9.64 -25.32
CA GLY A 128 -7.81 10.48 -24.13
C GLY A 128 -6.48 10.69 -23.44
N LEU A 129 -6.11 9.76 -22.56
CA LEU A 129 -4.76 9.73 -22.02
C LEU A 129 -3.81 9.05 -23.02
N LYS A 130 -2.59 9.57 -23.09
CA LYS A 130 -1.54 8.92 -23.86
C LYS A 130 -0.28 8.89 -23.01
N LEU A 131 0.34 7.72 -22.95
CA LEU A 131 1.56 7.56 -22.19
C LEU A 131 2.70 8.35 -22.82
N ILE A 132 3.49 9.03 -21.98
CA ILE A 132 4.64 9.81 -22.44
C ILE A 132 5.63 8.92 -23.20
N SER A 133 5.85 7.68 -22.73
CA SER A 133 6.80 6.82 -23.40
C SER A 133 6.36 6.52 -24.83
N GLU A 134 5.04 6.47 -25.07
CA GLU A 134 4.50 6.30 -26.40
C GLU A 134 4.69 7.54 -27.25
N VAL A 135 4.47 8.73 -26.67
CA VAL A 135 4.75 9.95 -27.42
C VAL A 135 6.21 9.95 -27.90
N ILE A 136 7.12 9.54 -27.03
CA ILE A 136 8.54 9.55 -27.38
C ILE A 136 8.81 8.53 -28.45
N GLY A 137 8.40 7.28 -28.20
CA GLY A 137 8.75 6.18 -29.08
C GLY A 137 8.17 6.33 -30.47
N GLU A 138 6.94 6.83 -30.55
CA GLU A 138 6.29 7.04 -31.84
C GLU A 138 6.95 8.17 -32.59
N ARG A 139 7.28 9.27 -31.92
CA ARG A 139 7.89 10.38 -32.62
C ARG A 139 9.31 10.04 -33.09
N LEU A 140 10.07 9.32 -32.28
CA LEU A 140 11.45 9.00 -32.59
C LEU A 140 11.61 7.65 -33.27
N GLY A 141 10.63 6.77 -33.18
CA GLY A 141 10.77 5.44 -33.74
C GLY A 141 11.73 4.52 -33.02
N ILE A 142 11.79 4.60 -31.70
CA ILE A 142 12.70 3.73 -30.95
C ILE A 142 11.87 2.93 -29.93
N PRO A 143 12.33 1.74 -29.56
CA PRO A 143 11.67 1.02 -28.46
C PRO A 143 11.92 1.67 -27.11
N MET A 144 10.91 1.62 -26.24
CA MET A 144 10.93 2.40 -25.02
C MET A 144 10.66 1.52 -23.81
N SER A 145 11.42 1.78 -22.78
CA SER A 145 11.22 1.23 -21.45
C SER A 145 10.82 2.39 -20.55
N VAL A 146 10.51 2.09 -19.31
CA VAL A 146 10.24 3.14 -18.35
C VAL A 146 10.88 2.75 -17.03
N LEU A 147 11.13 3.80 -16.23
CA LEU A 147 11.62 3.67 -14.87
C LEU A 147 10.74 4.51 -13.96
N MET A 148 10.03 3.86 -13.03
CA MET A 148 9.08 4.54 -12.15
C MET A 148 9.08 3.86 -10.79
N GLY A 149 9.06 4.65 -9.71
CA GLY A 149 9.00 4.07 -8.38
C GLY A 149 8.89 5.13 -7.29
N ALA A 150 8.91 4.65 -6.04
CA ALA A 150 8.85 5.52 -4.87
C ALA A 150 10.27 6.07 -4.69
N ASN A 151 10.55 7.17 -5.36
CA ASN A 151 11.89 7.72 -5.25
C ASN A 151 11.85 9.21 -5.56
N ILE A 152 12.81 9.93 -5.00
CA ILE A 152 12.95 11.35 -5.30
C ILE A 152 14.42 11.70 -5.48
N ALA A 153 14.68 12.70 -6.33
CA ALA A 153 16.05 13.00 -6.74
C ALA A 153 16.95 13.27 -5.54
N SER A 154 16.51 14.09 -4.60
CA SER A 154 17.38 14.48 -3.49
C SER A 154 17.87 13.26 -2.72
N GLU A 155 16.98 12.28 -2.48
CA GLU A 155 17.36 11.09 -1.73
C GLU A 155 18.21 10.15 -2.56
N VAL A 156 17.96 10.08 -3.86
CA VAL A 156 18.77 9.24 -4.71
C VAL A 156 20.19 9.81 -4.84
N ALA A 157 20.30 11.14 -4.94
CA ALA A 157 21.61 11.78 -4.89
C ALA A 157 22.34 11.52 -3.56
N ASP A 158 21.60 11.55 -2.44
CA ASP A 158 22.17 11.33 -1.12
C ASP A 158 22.38 9.85 -0.80
N GLU A 159 22.06 8.95 -1.71
CA GLU A 159 22.21 7.52 -1.48
C GLU A 159 21.34 7.03 -0.32
N LYS A 160 20.15 7.61 -0.17
CA LYS A 160 19.15 7.08 0.77
C LYS A 160 18.43 5.89 0.13
N PHE A 161 18.39 4.75 0.84
CA PHE A 161 17.84 3.51 0.30
C PHE A 161 16.43 3.67 -0.26
N CYS A 162 16.23 3.22 -1.49
CA CYS A 162 14.92 3.19 -2.10
C CYS A 162 14.95 2.21 -3.27
N GLU A 163 13.80 1.99 -3.89
CA GLU A 163 13.74 1.06 -5.01
C GLU A 163 13.01 1.70 -6.18
N THR A 164 13.03 1.03 -7.33
CA THR A 164 12.25 1.48 -8.46
C THR A 164 11.95 0.26 -9.31
N THR A 165 11.01 0.45 -10.20
CA THR A 165 10.58 -0.56 -11.15
C THR A 165 11.03 -0.14 -12.54
N ILE A 166 11.59 -1.08 -13.29
CA ILE A 166 11.84 -0.85 -14.69
C ILE A 166 10.85 -1.69 -15.46
N GLY A 167 10.10 -1.03 -16.36
CA GLY A 167 9.22 -1.70 -17.29
C GLY A 167 9.93 -1.78 -18.62
N CYS A 168 10.20 -2.99 -19.08
CA CYS A 168 10.89 -3.23 -20.34
C CYS A 168 10.38 -4.54 -20.93
N LYS A 169 9.87 -4.46 -22.15
CA LYS A 169 9.36 -5.64 -22.84
C LYS A 169 10.46 -6.65 -23.16
N ASP A 170 11.65 -6.18 -23.47
CA ASP A 170 12.72 -7.05 -23.94
C ASP A 170 13.61 -7.50 -22.77
N PRO A 171 13.65 -8.79 -22.42
CA PRO A 171 14.44 -9.18 -21.24
C PRO A 171 15.90 -8.77 -21.32
N ALA A 172 16.54 -8.94 -22.48
CA ALA A 172 17.95 -8.61 -22.55
C ALA A 172 18.18 -7.13 -22.31
N GLN A 173 17.29 -6.29 -22.87
CA GLN A 173 17.43 -4.85 -22.70
C GLN A 173 17.08 -4.43 -21.27
N GLY A 174 16.09 -5.11 -20.69
CA GLY A 174 15.79 -4.90 -19.29
C GLY A 174 16.97 -5.17 -18.38
N GLN A 175 17.68 -6.26 -18.61
CA GLN A 175 18.83 -6.58 -17.76
C GLN A 175 19.93 -5.56 -17.93
N LEU A 176 20.12 -5.07 -19.15
CA LEU A 176 21.09 -4.03 -19.42
C LEU A 176 20.75 -2.76 -18.66
N LEU A 177 19.48 -2.37 -18.67
CA LEU A 177 19.10 -1.14 -17.99
C LEU A 177 19.23 -1.31 -16.48
N LYS A 178 18.92 -2.49 -15.96
CA LYS A 178 19.12 -2.74 -14.53
C LYS A 178 20.58 -2.56 -14.13
N GLU A 179 21.50 -3.09 -14.95
CA GLU A 179 22.92 -2.96 -14.64
C GLU A 179 23.36 -1.51 -14.66
N LEU A 180 22.82 -0.72 -15.59
CA LEU A 180 23.19 0.68 -15.70
C LEU A 180 22.76 1.50 -14.50
N MET A 181 21.59 1.18 -13.93
CA MET A 181 20.97 2.05 -12.96
C MET A 181 21.02 1.57 -11.52
N GLN A 182 21.25 0.29 -11.27
CA GLN A 182 21.14 -0.22 -9.91
C GLN A 182 22.39 0.05 -9.09
N THR A 183 22.19 0.44 -7.84
CA THR A 183 23.25 0.58 -6.86
C THR A 183 22.80 -0.11 -5.58
N PRO A 184 23.70 -0.24 -4.57
CA PRO A 184 23.25 -0.85 -3.30
C PRO A 184 22.05 -0.16 -2.66
N ASN A 185 21.86 1.14 -2.87
CA ASN A 185 20.76 1.91 -2.30
C ASN A 185 19.70 2.31 -3.30
N PHE A 186 19.83 1.89 -4.57
CA PHE A 186 18.84 2.15 -5.61
C PHE A 186 18.58 0.79 -6.27
N ARG A 187 17.62 0.05 -5.72
CA ARG A 187 17.36 -1.33 -6.10
C ARG A 187 16.28 -1.37 -7.18
N ILE A 188 16.50 -2.19 -8.19
CA ILE A 188 15.62 -2.27 -9.34
C ILE A 188 14.96 -3.64 -9.45
N THR A 189 13.66 -3.64 -9.75
CA THR A 189 12.97 -4.81 -10.26
C THR A 189 12.57 -4.53 -11.71
N VAL A 190 12.90 -5.43 -12.61
CA VAL A 190 12.51 -5.34 -14.01
C VAL A 190 11.26 -6.16 -14.19
N VAL A 191 10.23 -5.56 -14.78
CA VAL A 191 9.01 -6.29 -15.14
C VAL A 191 8.79 -6.03 -16.60
N GLN A 192 8.00 -6.90 -17.25
CA GLN A 192 7.78 -6.79 -18.69
C GLN A 192 6.63 -5.87 -19.09
N GLU A 193 5.91 -5.29 -18.14
CA GLU A 193 4.70 -4.56 -18.50
C GLU A 193 4.98 -3.06 -18.44
N VAL A 194 5.33 -2.52 -19.59
CA VAL A 194 5.69 -1.10 -19.69
C VAL A 194 4.52 -0.21 -19.32
N ASP A 195 3.40 -0.37 -20.03
CA ASP A 195 2.26 0.54 -19.87
C ASP A 195 1.72 0.51 -18.44
N THR A 196 1.69 -0.66 -17.84
CA THR A 196 1.18 -0.80 -16.48
C THR A 196 2.06 -0.09 -15.47
N VAL A 197 3.38 -0.25 -15.58
CA VAL A 197 4.29 0.51 -14.73
C VAL A 197 4.04 2.00 -14.91
N GLU A 198 3.87 2.42 -16.15
CA GLU A 198 3.82 3.85 -16.47
C GLU A 198 2.50 4.49 -16.03
N ILE A 199 1.38 3.80 -16.20
CA ILE A 199 0.09 4.41 -15.91
C ILE A 199 -0.10 4.62 -14.43
N CYS A 200 0.63 3.86 -13.59
CA CYS A 200 0.56 4.07 -12.15
C CYS A 200 0.93 5.49 -11.78
N GLY A 201 1.97 6.04 -12.43
CA GLY A 201 2.43 7.35 -12.05
C GLY A 201 1.39 8.43 -12.24
N ALA A 202 0.48 8.25 -13.21
CA ALA A 202 -0.56 9.25 -13.40
C ALA A 202 -1.71 9.01 -12.47
N LEU A 203 -2.13 7.74 -12.31
CA LEU A 203 -3.33 7.46 -11.55
C LEU A 203 -3.11 7.68 -10.05
N LYS A 204 -1.89 7.47 -9.55
CA LYS A 204 -1.65 7.54 -8.12
C LYS A 204 -2.00 8.92 -7.58
N ASN A 205 -1.86 9.95 -8.41
CA ASN A 205 -2.14 11.30 -7.94
C ASN A 205 -3.61 11.57 -7.78
N VAL A 206 -4.46 10.88 -8.53
CA VAL A 206 -5.91 10.94 -8.28
C VAL A 206 -6.23 10.34 -6.93
N VAL A 207 -5.63 9.20 -6.62
CA VAL A 207 -5.88 8.57 -5.33
C VAL A 207 -5.36 9.46 -4.21
N ALA A 208 -4.24 10.14 -4.46
CA ALA A 208 -3.67 11.02 -3.44
C ALA A 208 -4.58 12.20 -3.11
N VAL A 209 -5.27 12.76 -4.12
CA VAL A 209 -6.28 13.77 -3.84
C VAL A 209 -7.35 13.22 -2.90
N GLY A 210 -7.83 11.99 -3.14
CA GLY A 210 -8.78 11.41 -2.21
C GLY A 210 -8.19 11.20 -0.83
N ALA A 211 -6.93 10.78 -0.77
CA ALA A 211 -6.29 10.58 0.53
C ALA A 211 -6.19 11.90 1.28
N GLY A 212 -5.80 12.97 0.58
CA GLY A 212 -5.79 14.30 1.15
C GLY A 212 -7.14 14.76 1.64
N PHE A 213 -8.22 14.48 0.88
CA PHE A 213 -9.57 14.77 1.41
C PHE A 213 -9.77 14.08 2.76
N CYS A 214 -9.37 12.81 2.87
CA CYS A 214 -9.51 12.11 4.16
C CYS A 214 -8.80 12.85 5.30
N ASP A 215 -7.55 13.23 5.08
CA ASP A 215 -6.79 13.97 6.08
C ASP A 215 -7.51 15.27 6.45
N GLY A 216 -8.00 16.00 5.44
CA GLY A 216 -8.62 17.29 5.67
C GLY A 216 -9.97 17.22 6.32
N LEU A 217 -10.66 16.10 6.18
CA LEU A 217 -11.93 15.88 6.84
C LEU A 217 -11.78 15.21 8.20
N GLY A 218 -10.56 14.91 8.61
CA GLY A 218 -10.34 14.38 9.93
C GLY A 218 -10.56 12.91 10.07
N PHE A 219 -10.60 12.15 8.97
CA PHE A 219 -10.76 10.72 9.10
C PHE A 219 -9.45 10.10 9.59
N GLY A 220 -9.60 8.93 10.23
CA GLY A 220 -8.46 8.24 10.75
C GLY A 220 -7.78 7.39 9.70
N ASP A 221 -6.71 6.72 10.17
CA ASP A 221 -5.83 5.94 9.31
C ASP A 221 -6.54 4.73 8.70
N ASN A 222 -7.52 4.14 9.39
CA ASN A 222 -8.21 2.99 8.80
C ASN A 222 -9.14 3.43 7.67
N THR A 223 -9.80 4.58 7.84
CA THR A 223 -10.57 5.13 6.74
C THR A 223 -9.63 5.49 5.59
N LYS A 224 -8.54 6.17 5.90
CA LYS A 224 -7.58 6.52 4.87
C LYS A 224 -7.04 5.29 4.16
N ALA A 225 -6.72 4.23 4.89
CA ALA A 225 -6.21 3.02 4.27
C ALA A 225 -7.22 2.41 3.31
N ALA A 226 -8.52 2.45 3.65
CA ALA A 226 -9.55 2.02 2.71
C ALA A 226 -9.57 2.89 1.44
N VAL A 227 -9.47 4.22 1.59
CA VAL A 227 -9.44 5.10 0.41
C VAL A 227 -8.26 4.73 -0.48
N ILE A 228 -7.08 4.54 0.10
CA ILE A 228 -5.89 4.19 -0.67
C ILE A 228 -6.07 2.85 -1.34
N ARG A 229 -6.58 1.86 -0.62
CA ARG A 229 -6.76 0.53 -1.17
C ARG A 229 -7.80 0.51 -2.28
N LEU A 230 -8.95 1.13 -2.07
CA LEU A 230 -9.95 1.19 -3.13
C LEU A 230 -9.39 1.96 -4.31
N GLY A 231 -8.61 3.01 -4.03
CA GLY A 231 -7.95 3.72 -5.10
C GLY A 231 -7.00 2.83 -5.89
N LEU A 232 -6.27 1.96 -5.21
CA LEU A 232 -5.40 0.99 -5.88
C LEU A 232 -6.22 0.01 -6.73
N MET A 233 -7.35 -0.46 -6.20
CA MET A 233 -8.22 -1.36 -6.95
C MET A 233 -8.80 -0.66 -8.18
N GLU A 234 -9.06 0.64 -8.11
CA GLU A 234 -9.52 1.36 -9.29
C GLU A 234 -8.39 1.57 -10.27
N MET A 235 -7.17 1.77 -9.77
CA MET A 235 -6.03 1.81 -10.66
C MET A 235 -5.92 0.52 -11.45
N ILE A 236 -6.03 -0.62 -10.76
CA ILE A 236 -5.89 -1.91 -11.44
C ILE A 236 -6.98 -2.07 -12.48
N ALA A 237 -8.22 -1.84 -12.08
CA ALA A 237 -9.33 -2.04 -12.99
C ALA A 237 -9.27 -1.09 -14.17
N PHE A 238 -8.85 0.16 -13.96
CA PHE A 238 -8.71 1.07 -15.08
C PHE A 238 -7.58 0.65 -16.03
N ALA A 239 -6.41 0.25 -15.48
CA ALA A 239 -5.33 -0.20 -16.36
C ALA A 239 -5.78 -1.40 -17.20
N LYS A 240 -6.48 -2.34 -16.57
CA LYS A 240 -6.91 -3.53 -17.28
C LYS A 240 -7.83 -3.15 -18.43
N LEU A 241 -8.66 -2.14 -18.24
CA LEU A 241 -9.56 -1.81 -19.35
C LEU A 241 -8.95 -0.85 -20.37
N PHE A 242 -7.95 -0.06 -19.99
CA PHE A 242 -7.47 1.01 -20.84
C PHE A 242 -6.12 0.74 -21.50
N CYS A 243 -5.25 0.00 -20.83
CA CYS A 243 -3.88 -0.15 -21.31
C CYS A 243 -3.81 -1.17 -22.42
N SER A 244 -2.99 -0.87 -23.41
CA SER A 244 -2.53 -1.92 -24.29
C SER A 244 -1.32 -2.58 -23.65
N GLY A 245 -1.05 -3.78 -24.07
CA GLY A 245 0.01 -4.50 -23.43
C GLY A 245 -0.57 -5.21 -22.23
N PRO A 246 0.18 -6.14 -21.69
CA PRO A 246 -0.35 -7.01 -20.63
C PRO A 246 -0.43 -6.27 -19.31
N VAL A 247 -1.55 -6.48 -18.60
CA VAL A 247 -1.77 -5.89 -17.28
C VAL A 247 -1.97 -6.98 -16.23
N SER A 248 -1.08 -7.03 -15.26
CA SER A 248 -1.16 -7.94 -14.13
C SER A 248 -1.34 -7.19 -12.81
N SER A 249 -2.23 -7.72 -11.96
CA SER A 249 -2.36 -7.22 -10.58
C SER A 249 -1.01 -7.17 -9.86
N ALA A 250 -0.20 -8.22 -10.03
CA ALA A 250 1.11 -8.29 -9.38
C ALA A 250 2.00 -7.10 -9.70
N THR A 251 1.85 -6.50 -10.88
CA THR A 251 2.66 -5.34 -11.21
C THR A 251 2.38 -4.19 -10.25
N PHE A 252 1.17 -4.13 -9.72
CA PHE A 252 0.82 -3.06 -8.82
C PHE A 252 1.42 -3.23 -7.45
N LEU A 253 1.97 -4.40 -7.14
CA LEU A 253 2.68 -4.61 -5.90
C LEU A 253 4.16 -4.26 -6.03
N GLU A 254 4.60 -3.81 -7.20
CA GLU A 254 5.93 -3.28 -7.41
C GLU A 254 6.03 -1.83 -6.92
N SER A 255 7.25 -1.29 -6.94
CA SER A 255 7.48 0.05 -6.39
C SER A 255 6.66 1.10 -7.13
N CYS A 256 6.52 0.95 -8.45
CA CYS A 256 5.73 1.86 -9.26
C CYS A 256 4.28 1.88 -8.82
N GLY A 257 3.82 0.83 -8.16
CA GLY A 257 2.42 0.73 -7.79
C GLY A 257 2.21 1.08 -6.33
N VAL A 258 2.14 0.04 -5.49
CA VAL A 258 1.74 0.26 -4.12
C VAL A 258 2.69 1.21 -3.38
N ALA A 259 4.01 1.11 -3.62
CA ALA A 259 4.92 1.91 -2.80
C ALA A 259 4.86 3.38 -3.19
N ASP A 260 4.84 3.68 -4.48
CA ASP A 260 4.70 5.06 -4.92
C ASP A 260 3.32 5.60 -4.50
N LEU A 261 2.30 4.76 -4.55
CA LEU A 261 0.98 5.15 -4.09
C LEU A 261 1.03 5.59 -2.63
N ILE A 262 1.63 4.75 -1.80
CA ILE A 262 1.68 5.03 -0.37
C ILE A 262 2.40 6.34 -0.10
N THR A 263 3.61 6.50 -0.65
CA THR A 263 4.37 7.69 -0.38
C THR A 263 3.65 8.94 -0.90
N THR A 264 2.98 8.83 -2.06
CA THR A 264 2.24 9.97 -2.58
C THR A 264 1.03 10.30 -1.72
N CYS A 265 0.38 9.30 -1.12
CA CYS A 265 -0.77 9.55 -0.27
C CYS A 265 -0.41 10.03 1.15
N TYR A 266 0.84 9.90 1.57
CA TYR A 266 1.26 10.42 2.86
C TYR A 266 2.17 11.64 2.74
N GLY A 267 2.54 12.04 1.54
CA GLY A 267 3.34 13.23 1.33
C GLY A 267 3.51 13.57 -0.14
N GLY A 268 3.29 14.83 -0.47
CA GLY A 268 3.32 15.27 -1.84
C GLY A 268 2.30 16.36 -2.06
N ALA A 269 2.43 17.06 -3.19
CA ALA A 269 1.63 18.24 -3.42
C ALA A 269 0.16 17.90 -3.59
N ASN A 270 -0.15 16.83 -4.31
CA ASN A 270 -1.55 16.47 -4.51
C ASN A 270 -2.26 16.22 -3.19
N ARG A 271 -1.66 15.42 -2.31
CA ARG A 271 -2.23 15.20 -0.99
C ARG A 271 -2.34 16.51 -0.22
N LYS A 272 -1.26 17.31 -0.22
CA LYS A 272 -1.26 18.52 0.59
C LYS A 272 -2.34 19.50 0.14
N VAL A 273 -2.45 19.73 -1.16
CA VAL A 273 -3.45 20.70 -1.65
C VAL A 273 -4.86 20.16 -1.43
N ALA A 274 -5.06 18.86 -1.66
CA ALA A 274 -6.37 18.26 -1.39
C ALA A 274 -6.78 18.41 0.06
N GLU A 275 -5.87 18.19 1.00
CA GLU A 275 -6.20 18.36 2.41
C GLU A 275 -6.61 19.79 2.70
N ALA A 276 -5.84 20.76 2.17
CA ALA A 276 -6.16 22.17 2.36
C ALA A 276 -7.51 22.53 1.75
N PHE A 277 -7.80 21.99 0.57
CA PHE A 277 -9.11 22.16 -0.05
C PHE A 277 -10.21 21.68 0.87
N ALA A 278 -10.05 20.47 1.44
CA ALA A 278 -11.05 19.95 2.35
C ALA A 278 -11.15 20.76 3.64
N ARG A 279 -10.03 21.28 4.14
CA ARG A 279 -10.05 21.97 5.43
C ARG A 279 -10.58 23.38 5.34
N THR A 280 -10.32 24.06 4.24
CA THR A 280 -10.48 25.51 4.18
C THR A 280 -11.47 25.99 3.16
N GLY A 281 -12.00 25.11 2.30
CA GLY A 281 -12.94 25.52 1.29
C GLY A 281 -12.35 26.35 0.17
N LYS A 282 -11.06 26.59 0.18
CA LYS A 282 -10.42 27.31 -0.90
C LYS A 282 -10.32 26.42 -2.14
N SER A 283 -10.44 27.03 -3.31
CA SER A 283 -10.43 26.32 -4.58
C SER A 283 -9.07 25.69 -4.84
N ILE A 284 -9.07 24.64 -5.65
CA ILE A 284 -7.81 24.09 -6.12
C ILE A 284 -6.96 25.19 -6.77
N GLU A 285 -7.60 26.06 -7.55
CA GLU A 285 -6.86 27.15 -8.20
C GLU A 285 -6.22 28.07 -7.17
N GLN A 286 -7.01 28.56 -6.19
CA GLN A 286 -6.46 29.41 -5.14
C GLN A 286 -5.27 28.77 -4.46
N LEU A 287 -5.40 27.48 -4.08
CA LEU A 287 -4.31 26.79 -3.40
C LEU A 287 -3.10 26.58 -4.30
N GLU A 288 -3.33 26.35 -5.60
CA GLU A 288 -2.21 26.26 -6.54
C GLU A 288 -1.38 27.54 -6.55
N LYS A 289 -2.03 28.71 -6.57
CA LYS A 289 -1.30 29.97 -6.53
C LYS A 289 -0.58 30.17 -5.20
N GLU A 290 -1.22 29.79 -4.09
CA GLU A 290 -0.65 30.03 -2.78
C GLU A 290 0.50 29.07 -2.48
N LEU A 291 0.40 27.83 -2.95
CA LEU A 291 1.32 26.77 -2.53
C LEU A 291 2.29 26.31 -3.60
N LEU A 292 1.93 26.41 -4.88
CA LEU A 292 2.74 25.84 -5.94
C LEU A 292 3.14 26.90 -6.96
N ASN A 293 3.18 28.17 -6.53
CA ASN A 293 3.53 29.30 -7.40
C ASN A 293 2.75 29.29 -8.71
N GLY A 294 1.58 28.63 -8.73
CA GLY A 294 0.78 28.55 -9.93
C GLY A 294 0.94 27.27 -10.73
N GLN A 295 1.80 26.34 -10.30
CA GLN A 295 1.91 25.07 -11.00
C GLN A 295 0.56 24.34 -10.99
N LYS A 296 0.26 23.64 -12.07
CA LYS A 296 -0.98 22.89 -12.17
C LYS A 296 -0.81 21.56 -11.44
N LEU A 297 -1.73 21.28 -10.52
CA LEU A 297 -1.75 19.98 -9.84
C LEU A 297 -2.30 18.92 -10.80
N GLN A 298 -1.58 17.81 -10.93
CA GLN A 298 -1.89 16.82 -11.96
C GLN A 298 -3.04 15.90 -11.58
N GLY A 299 -3.24 15.65 -10.28
CA GLY A 299 -4.25 14.73 -9.85
C GLY A 299 -5.63 15.13 -10.34
N PRO A 300 -6.03 16.38 -10.05
CA PRO A 300 -7.33 16.81 -10.54
C PRO A 300 -7.42 16.79 -12.06
N GLU A 301 -6.36 17.20 -12.77
CA GLU A 301 -6.42 17.21 -14.23
C GLU A 301 -6.53 15.80 -14.78
N THR A 302 -5.86 14.84 -14.15
CA THR A 302 -5.98 13.47 -14.61
C THR A 302 -7.38 12.94 -14.36
N ALA A 303 -7.97 13.30 -13.21
CA ALA A 303 -9.32 12.85 -12.93
C ALA A 303 -10.28 13.33 -14.00
N ARG A 304 -10.10 14.57 -14.48
CA ARG A 304 -10.95 15.09 -15.54
C ARG A 304 -10.81 14.25 -16.81
N GLU A 305 -9.58 13.84 -17.16
CA GLU A 305 -9.40 13.02 -18.35
C GLU A 305 -10.02 11.64 -18.18
N LEU A 306 -9.86 11.04 -16.99
CA LEU A 306 -10.53 9.78 -16.69
C LEU A 306 -12.03 9.91 -16.84
N TYR A 307 -12.59 11.01 -16.39
CA TYR A 307 -14.04 11.19 -16.49
C TYR A 307 -14.49 11.09 -17.96
N SER A 308 -13.77 11.76 -18.87
CA SER A 308 -14.17 11.73 -20.28
C SER A 308 -14.02 10.34 -20.86
N ILE A 309 -12.90 9.65 -20.56
CA ILE A 309 -12.71 8.28 -21.04
C ILE A 309 -13.83 7.37 -20.56
N LEU A 310 -14.17 7.45 -19.27
CA LEU A 310 -15.18 6.57 -18.70
C LEU A 310 -16.59 6.94 -19.16
N GLN A 311 -16.86 8.21 -19.43
CA GLN A 311 -18.16 8.58 -19.96
C GLN A 311 -18.39 7.96 -21.34
N HIS A 312 -17.38 8.02 -22.23
CA HIS A 312 -17.52 7.41 -23.55
C HIS A 312 -17.67 5.89 -23.51
N LYS A 313 -17.19 5.25 -22.46
CA LYS A 313 -17.33 3.80 -22.29
C LYS A 313 -18.53 3.42 -21.42
N GLY A 314 -19.22 4.40 -20.85
CA GLY A 314 -20.33 4.12 -19.94
C GLY A 314 -19.95 3.51 -18.62
N LEU A 315 -18.75 3.83 -18.10
CA LEU A 315 -18.23 3.15 -16.92
C LEU A 315 -18.00 4.10 -15.76
N VAL A 316 -18.61 5.28 -15.78
CA VAL A 316 -18.38 6.26 -14.72
C VAL A 316 -18.72 5.68 -13.36
N ASP A 317 -19.79 4.86 -13.29
CA ASP A 317 -20.25 4.28 -12.04
C ASP A 317 -19.34 3.18 -11.52
N LYS A 318 -18.44 2.65 -12.35
CA LYS A 318 -17.53 1.60 -11.91
C LYS A 318 -16.28 2.16 -11.21
N PHE A 319 -16.10 3.48 -11.19
CA PHE A 319 -14.90 4.09 -10.60
C PHE A 319 -15.30 5.22 -9.66
N PRO A 320 -16.03 4.89 -8.59
CA PRO A 320 -16.56 5.94 -7.73
C PRO A 320 -15.50 6.82 -7.07
N LEU A 321 -14.32 6.27 -6.72
CA LEU A 321 -13.28 7.12 -6.12
C LEU A 321 -12.69 8.11 -7.13
N PHE A 322 -12.29 7.62 -8.30
CA PHE A 322 -11.83 8.54 -9.35
C PHE A 322 -12.87 9.59 -9.68
N MET A 323 -14.12 9.18 -9.78
CA MET A 323 -15.15 10.12 -10.19
C MET A 323 -15.55 11.10 -9.10
N ALA A 324 -15.46 10.68 -7.82
CA ALA A 324 -15.66 11.62 -6.72
C ALA A 324 -14.58 12.68 -6.68
N VAL A 325 -13.34 12.31 -6.98
CA VAL A 325 -12.31 13.32 -7.06
C VAL A 325 -12.65 14.32 -8.16
N TYR A 326 -13.08 13.83 -9.33
CA TYR A 326 -13.47 14.73 -10.41
C TYR A 326 -14.64 15.64 -10.01
N LYS A 327 -15.68 15.07 -9.43
CA LYS A 327 -16.87 15.88 -9.15
C LYS A 327 -16.62 16.89 -8.04
N VAL A 328 -15.84 16.51 -7.05
CA VAL A 328 -15.50 17.44 -6.00
C VAL A 328 -14.66 18.58 -6.56
N CYS A 329 -13.68 18.27 -7.40
CA CYS A 329 -12.75 19.28 -7.87
C CYS A 329 -13.38 20.21 -8.93
N TYR A 330 -14.32 19.73 -9.73
CA TYR A 330 -14.79 20.49 -10.89
C TYR A 330 -16.29 20.73 -10.95
N GLU A 331 -17.10 19.93 -10.27
CA GLU A 331 -18.55 20.07 -10.34
C GLU A 331 -19.15 20.40 -8.99
N GLY A 332 -18.36 20.95 -8.07
CA GLY A 332 -18.89 21.43 -6.80
C GLY A 332 -19.56 20.40 -5.91
N GLN A 333 -19.31 19.11 -6.11
CA GLN A 333 -19.77 18.12 -5.14
C GLN A 333 -19.09 18.43 -3.80
N PRO A 334 -19.85 18.57 -2.71
CA PRO A 334 -19.22 18.92 -1.43
C PRO A 334 -18.21 17.86 -1.04
N VAL A 335 -16.99 18.31 -0.69
CA VAL A 335 -15.92 17.38 -0.36
C VAL A 335 -16.35 16.51 0.80
N GLY A 336 -17.23 17.03 1.66
CA GLY A 336 -17.72 16.29 2.80
C GLY A 336 -18.53 15.06 2.46
N GLU A 337 -18.92 14.89 1.19
CA GLU A 337 -19.64 13.71 0.73
C GLU A 337 -18.70 12.67 0.13
N PHE A 338 -17.41 12.95 0.08
CA PHE A 338 -16.46 12.07 -0.60
C PHE A 338 -16.61 10.63 -0.12
N ILE A 339 -16.64 10.44 1.20
CA ILE A 339 -16.61 9.08 1.73
C ILE A 339 -17.89 8.37 1.37
N HIS A 340 -18.99 9.10 1.25
CA HIS A 340 -20.26 8.46 0.93
C HIS A 340 -20.18 7.77 -0.42
N CYS A 341 -19.41 8.35 -1.34
CA CYS A 341 -19.23 7.77 -2.66
C CYS A 341 -18.52 6.43 -2.61
N LEU A 342 -17.92 6.05 -1.48
CA LEU A 342 -17.27 4.76 -1.38
C LEU A 342 -18.11 3.68 -0.69
N GLN A 343 -19.34 3.98 -0.33
CA GLN A 343 -20.16 3.10 0.45
C GLN A 343 -20.94 2.10 -0.38
N ASN A 344 -20.81 2.15 -1.70
CA ASN A 344 -21.39 1.13 -2.56
C ASN A 344 -20.40 0.82 -3.68
N HIS A 345 -19.18 0.52 -3.30
CA HIS A 345 -18.11 0.38 -4.26
C HIS A 345 -18.21 -0.96 -5.01
N PRO A 346 -17.88 -1.00 -6.29
CA PRO A 346 -17.86 -2.29 -7.00
C PRO A 346 -17.07 -3.39 -6.31
N GLU A 347 -15.99 -3.05 -5.60
CA GLU A 347 -15.19 -4.06 -4.94
C GLU A 347 -15.99 -4.82 -3.87
N HIS A 348 -17.06 -4.22 -3.35
CA HIS A 348 -17.82 -4.85 -2.29
C HIS A 348 -19.15 -5.40 -2.77
N MET A 349 -19.40 -5.37 -4.06
CA MET A 349 -20.64 -5.92 -4.59
C MET A 349 -20.59 -7.44 -4.67
N ALA B 2 -35.45 -22.66 10.93
CA ALA B 2 -35.23 -22.25 9.53
C ALA B 2 -34.22 -21.10 9.48
N SER B 3 -34.58 -19.97 10.06
CA SER B 3 -33.67 -18.84 10.11
C SER B 3 -32.48 -19.17 11.01
N LYS B 4 -31.31 -18.64 10.65
CA LYS B 4 -30.06 -19.00 11.31
C LYS B 4 -29.88 -18.22 12.61
N LYS B 5 -29.56 -18.95 13.68
CA LYS B 5 -29.30 -18.38 14.99
C LYS B 5 -27.82 -18.05 15.20
N VAL B 6 -27.57 -16.85 15.71
CA VAL B 6 -26.21 -16.31 15.84
C VAL B 6 -25.86 -16.15 17.31
N CYS B 7 -24.64 -16.54 17.67
CA CYS B 7 -24.07 -16.30 18.98
C CYS B 7 -22.74 -15.58 18.80
N ILE B 8 -22.57 -14.50 19.55
CA ILE B 8 -21.33 -13.74 19.60
C ILE B 8 -20.61 -14.19 20.85
N VAL B 9 -19.52 -14.92 20.64
CA VAL B 9 -18.72 -15.45 21.72
C VAL B 9 -17.69 -14.37 22.08
N GLY B 10 -18.03 -13.55 23.07
CA GLY B 10 -17.16 -12.49 23.53
C GLY B 10 -17.96 -11.19 23.58
N SER B 11 -17.52 -10.27 24.42
CA SER B 11 -18.33 -9.10 24.69
C SER B 11 -17.48 -7.92 25.13
N GLY B 12 -16.22 -7.85 24.71
CA GLY B 12 -15.41 -6.68 24.99
C GLY B 12 -15.75 -5.50 24.09
N ASN B 13 -14.77 -4.62 23.93
CA ASN B 13 -14.93 -3.49 23.01
C ASN B 13 -15.25 -4.02 21.62
N TRP B 14 -14.48 -5.00 21.18
CA TRP B 14 -14.64 -5.54 19.82
C TRP B 14 -15.93 -6.33 19.70
N GLY B 15 -16.24 -7.20 20.67
CA GLY B 15 -17.45 -7.97 20.55
C GLY B 15 -18.71 -7.13 20.68
N SER B 16 -18.66 -6.08 21.52
CA SER B 16 -19.79 -5.18 21.64
C SER B 16 -20.01 -4.38 20.37
N ALA B 17 -18.92 -3.96 19.73
CA ALA B 17 -19.03 -3.23 18.48
C ALA B 17 -19.65 -4.13 17.43
N ILE B 18 -19.23 -5.39 17.38
CA ILE B 18 -19.78 -6.30 16.41
C ILE B 18 -21.24 -6.61 16.74
N ALA B 19 -21.59 -6.67 18.03
CA ALA B 19 -22.98 -6.92 18.40
C ALA B 19 -23.90 -5.80 17.90
N LYS B 20 -23.43 -4.54 17.92
CA LYS B 20 -24.22 -3.46 17.31
C LYS B 20 -24.57 -3.77 15.87
N ILE B 21 -23.58 -4.17 15.07
CA ILE B 21 -23.79 -4.44 13.66
C ILE B 21 -24.62 -5.69 13.48
N VAL B 22 -24.24 -6.76 14.16
CA VAL B 22 -24.86 -8.05 13.92
C VAL B 22 -26.31 -8.05 14.38
N GLY B 23 -26.58 -7.51 15.55
CA GLY B 23 -27.96 -7.43 16.00
C GLY B 23 -28.87 -6.71 15.04
N GLY B 24 -28.36 -5.63 14.41
CA GLY B 24 -29.17 -4.91 13.46
C GLY B 24 -29.50 -5.72 12.23
N ASN B 25 -28.50 -6.37 11.63
CA ASN B 25 -28.70 -7.16 10.42
C ASN B 25 -29.49 -8.44 10.71
N ALA B 26 -29.26 -9.03 11.88
CA ALA B 26 -30.02 -10.24 12.24
C ALA B 26 -31.52 -9.94 12.37
N ALA B 27 -31.86 -8.79 12.96
CA ALA B 27 -33.27 -8.38 13.06
C ALA B 27 -33.87 -8.05 11.69
N GLN B 28 -33.10 -7.43 10.79
CA GLN B 28 -33.66 -6.94 9.54
C GLN B 28 -33.82 -8.03 8.49
N LEU B 29 -32.89 -8.98 8.44
CA LEU B 29 -32.85 -9.93 7.34
C LEU B 29 -33.60 -11.19 7.75
N ALA B 30 -34.56 -11.59 6.91
CA ALA B 30 -35.38 -12.75 7.22
C ALA B 30 -34.55 -14.00 7.45
N GLN B 31 -33.37 -14.11 6.82
CA GLN B 31 -32.62 -15.36 6.88
C GLN B 31 -31.97 -15.59 8.25
N PHE B 32 -32.00 -14.61 9.12
CA PHE B 32 -31.41 -14.74 10.44
C PHE B 32 -32.50 -14.65 11.50
N ASP B 33 -32.34 -15.47 12.55
CA ASP B 33 -33.14 -15.34 13.76
C ASP B 33 -32.82 -14.03 14.45
N PRO B 34 -33.81 -13.22 14.83
CA PRO B 34 -33.50 -11.92 15.45
C PRO B 34 -32.88 -12.06 16.81
N ARG B 35 -33.06 -13.20 17.48
CA ARG B 35 -32.52 -13.34 18.82
C ARG B 35 -31.05 -13.72 18.69
N VAL B 36 -30.18 -12.76 18.96
CA VAL B 36 -28.74 -12.93 18.91
C VAL B 36 -28.26 -13.04 20.34
N THR B 37 -27.62 -14.17 20.69
CA THR B 37 -27.03 -14.26 22.00
C THR B 37 -25.62 -13.70 21.95
N MET B 38 -25.20 -13.15 23.08
CA MET B 38 -23.83 -12.71 23.29
C MET B 38 -23.38 -13.29 24.61
N TRP B 39 -22.34 -14.13 24.57
CA TRP B 39 -21.76 -14.63 25.81
C TRP B 39 -20.97 -13.53 26.49
N VAL B 40 -21.35 -13.24 27.72
CA VAL B 40 -20.81 -12.15 28.51
C VAL B 40 -20.30 -12.75 29.82
N PHE B 41 -18.99 -12.77 29.98
CA PHE B 41 -18.33 -13.05 31.25
C PHE B 41 -18.94 -12.18 32.33
N GLU B 42 -19.64 -12.78 33.28
CA GLU B 42 -20.36 -12.01 34.28
C GLU B 42 -19.37 -11.21 35.14
N GLU B 43 -19.72 -9.95 35.38
CA GLU B 43 -18.95 -9.07 36.24
C GLU B 43 -19.95 -8.29 37.07
N ASP B 44 -19.53 -7.86 38.26
CA ASP B 44 -20.35 -7.01 39.11
C ASP B 44 -19.97 -5.57 38.81
N ILE B 45 -20.93 -4.81 38.31
CA ILE B 45 -20.74 -3.39 38.03
C ILE B 45 -21.51 -2.66 39.11
N GLY B 46 -20.80 -2.16 40.11
CA GLY B 46 -21.45 -1.46 41.21
C GLY B 46 -22.61 -2.21 41.82
N GLY B 47 -22.48 -3.53 41.99
CA GLY B 47 -23.52 -4.31 42.62
C GLY B 47 -24.55 -4.92 41.69
N LYS B 48 -24.61 -4.51 40.43
CA LYS B 48 -25.52 -5.14 39.48
C LYS B 48 -24.71 -5.98 38.50
N LYS B 49 -25.29 -7.10 38.08
CA LYS B 49 -24.62 -7.97 37.13
C LYS B 49 -24.52 -7.29 35.77
N LEU B 50 -23.35 -7.39 35.15
CA LEU B 50 -23.17 -6.77 33.83
C LEU B 50 -24.20 -7.30 32.84
N THR B 51 -24.47 -8.63 32.85
CA THR B 51 -25.45 -9.19 31.94
C THR B 51 -26.83 -8.59 32.13
N GLU B 52 -27.25 -8.36 33.38
CA GLU B 52 -28.54 -7.72 33.65
C GLU B 52 -28.57 -6.28 33.14
N ILE B 53 -27.46 -5.55 33.32
CA ILE B 53 -27.37 -4.20 32.80
C ILE B 53 -27.55 -4.20 31.29
N ILE B 54 -26.87 -5.12 30.59
CA ILE B 54 -27.01 -5.19 29.15
C ILE B 54 -28.43 -5.52 28.76
N ASN B 55 -29.05 -6.44 29.48
CA ASN B 55 -30.39 -6.84 29.06
C ASN B 55 -31.50 -5.86 29.45
N THR B 56 -31.20 -4.80 30.20
CA THR B 56 -32.23 -3.84 30.57
C THR B 56 -31.96 -2.46 30.01
N GLN B 57 -30.68 -2.05 30.00
CA GLN B 57 -30.22 -0.77 29.46
C GLN B 57 -29.68 -0.90 28.03
N HIS B 58 -29.36 -2.13 27.59
CA HIS B 58 -28.86 -2.40 26.23
C HIS B 58 -27.60 -1.59 25.94
N GLU B 59 -26.68 -1.63 26.90
CA GLU B 59 -25.43 -0.90 26.84
C GLU B 59 -24.41 -1.70 27.65
N ASN B 60 -23.28 -2.04 27.01
CA ASN B 60 -22.18 -2.64 27.78
C ASN B 60 -21.44 -1.50 28.45
N VAL B 61 -21.85 -1.21 29.68
CA VAL B 61 -21.41 -0.03 30.42
C VAL B 61 -19.94 -0.08 30.77
N LYS B 62 -19.33 -1.27 30.74
CA LYS B 62 -17.90 -1.36 31.02
C LYS B 62 -17.02 -1.32 29.78
N TYR B 63 -17.41 -1.99 28.69
CA TYR B 63 -16.52 -2.15 27.55
C TYR B 63 -16.90 -1.32 26.33
N LEU B 64 -18.13 -0.80 26.27
CA LEU B 64 -18.56 0.07 25.19
C LEU B 64 -19.59 1.04 25.75
N PRO B 65 -19.20 1.86 26.72
CA PRO B 65 -20.15 2.81 27.30
C PRO B 65 -20.59 3.83 26.27
N GLY B 66 -21.83 4.29 26.43
CA GLY B 66 -22.36 5.33 25.58
C GLY B 66 -22.91 4.85 24.26
N HIS B 67 -22.92 3.55 24.02
CA HIS B 67 -23.40 2.96 22.77
C HIS B 67 -24.53 1.99 23.09
N LYS B 68 -25.63 2.13 22.39
CA LYS B 68 -26.75 1.24 22.57
C LYS B 68 -26.57 0.03 21.67
N LEU B 69 -26.77 -1.11 22.22
CA LEU B 69 -26.84 -2.33 21.45
C LEU B 69 -28.28 -2.56 21.01
N PRO B 70 -28.52 -3.15 19.86
CA PRO B 70 -29.89 -3.53 19.50
C PRO B 70 -30.54 -4.40 20.57
N PRO B 71 -31.82 -4.15 20.89
CA PRO B 71 -32.43 -4.83 22.06
C PRO B 71 -32.62 -6.31 21.85
N ASN B 72 -32.50 -6.79 20.62
CA ASN B 72 -32.58 -8.20 20.30
C ASN B 72 -31.29 -8.96 20.61
N VAL B 73 -30.21 -8.27 20.97
CA VAL B 73 -29.01 -8.92 21.46
C VAL B 73 -29.18 -9.20 22.95
N VAL B 74 -29.03 -10.47 23.33
CA VAL B 74 -29.27 -10.91 24.70
C VAL B 74 -27.97 -11.37 25.32
N ALA B 75 -27.62 -10.76 26.43
CA ALA B 75 -26.41 -11.13 27.12
C ALA B 75 -26.70 -12.41 27.92
N VAL B 76 -25.79 -13.37 27.84
CA VAL B 76 -25.96 -14.67 28.48
C VAL B 76 -24.66 -15.01 29.19
N PRO B 77 -24.69 -15.30 30.50
CA PRO B 77 -23.42 -15.43 31.24
C PRO B 77 -22.72 -16.77 31.08
N ASP B 78 -23.44 -17.83 30.73
CA ASP B 78 -22.85 -19.15 30.58
C ASP B 78 -22.60 -19.42 29.10
N VAL B 79 -21.32 -19.65 28.74
CA VAL B 79 -20.98 -19.67 27.31
C VAL B 79 -21.64 -20.84 26.61
N VAL B 80 -21.84 -21.95 27.32
CA VAL B 80 -22.53 -23.09 26.71
C VAL B 80 -23.98 -22.73 26.45
N GLN B 81 -24.66 -22.12 27.42
CA GLN B 81 -26.04 -21.70 27.19
C GLN B 81 -26.11 -20.70 26.04
N ALA B 82 -25.10 -19.86 25.90
CA ALA B 82 -25.13 -18.85 24.83
C ALA B 82 -25.07 -19.51 23.46
N ALA B 83 -24.26 -20.57 23.32
CA ALA B 83 -23.89 -21.09 22.00
C ALA B 83 -24.66 -22.32 21.58
N GLU B 84 -25.36 -23.00 22.49
CA GLU B 84 -25.77 -24.38 22.20
C GLU B 84 -26.83 -24.47 21.10
N ASP B 85 -27.59 -23.42 20.86
CA ASP B 85 -28.56 -23.44 19.78
C ASP B 85 -28.10 -22.65 18.56
N ALA B 86 -26.89 -22.10 18.58
CA ALA B 86 -26.44 -21.28 17.46
C ALA B 86 -26.04 -22.10 16.24
N ASP B 87 -26.43 -21.60 15.07
CA ASP B 87 -25.93 -22.07 13.80
C ASP B 87 -24.63 -21.37 13.38
N ILE B 88 -24.43 -20.15 13.85
CA ILE B 88 -23.27 -19.34 13.52
C ILE B 88 -22.67 -18.79 14.81
N LEU B 89 -21.41 -19.06 15.04
CA LEU B 89 -20.69 -18.55 16.20
C LEU B 89 -19.63 -17.57 15.73
N ILE B 90 -19.61 -16.42 16.37
CA ILE B 90 -18.68 -15.34 16.08
C ILE B 90 -17.73 -15.26 17.26
N PHE B 91 -16.48 -15.66 17.05
CA PHE B 91 -15.51 -15.71 18.14
C PHE B 91 -14.77 -14.38 18.17
N VAL B 92 -14.94 -13.66 19.26
CA VAL B 92 -14.38 -12.33 19.39
C VAL B 92 -13.96 -12.15 20.83
N VAL B 93 -13.08 -13.01 21.30
CA VAL B 93 -12.46 -12.87 22.61
C VAL B 93 -10.98 -12.56 22.39
N PRO B 94 -10.27 -12.09 23.42
CA PRO B 94 -8.82 -12.00 23.31
C PRO B 94 -8.18 -13.37 23.18
N HIS B 95 -7.13 -13.41 22.35
CA HIS B 95 -6.35 -14.60 22.04
C HIS B 95 -6.09 -15.46 23.28
N GLN B 96 -5.81 -14.84 24.41
CA GLN B 96 -5.39 -15.57 25.60
C GLN B 96 -6.49 -16.42 26.22
N PHE B 97 -7.76 -16.25 25.82
CA PHE B 97 -8.86 -16.98 26.44
C PHE B 97 -9.54 -17.96 25.51
N ILE B 98 -9.27 -17.90 24.22
CA ILE B 98 -10.07 -18.69 23.29
C ILE B 98 -9.80 -20.18 23.51
N GLY B 99 -8.61 -20.54 23.98
CA GLY B 99 -8.35 -21.93 24.29
C GLY B 99 -9.26 -22.46 25.39
N LYS B 100 -9.38 -21.71 26.48
CA LYS B 100 -10.25 -22.15 27.58
C LYS B 100 -11.73 -22.13 27.16
N ILE B 101 -12.15 -21.09 26.45
CA ILE B 101 -13.53 -21.04 25.99
C ILE B 101 -13.82 -22.25 25.12
N CYS B 102 -12.89 -22.64 24.27
CA CYS B 102 -13.15 -23.78 23.40
C CYS B 102 -13.22 -25.07 24.21
N ASP B 103 -12.45 -25.18 25.29
CA ASP B 103 -12.53 -26.40 26.10
C ASP B 103 -13.89 -26.55 26.79
N GLN B 104 -14.53 -25.43 27.15
CA GLN B 104 -15.89 -25.49 27.70
C GLN B 104 -16.96 -25.78 26.64
N LEU B 105 -16.77 -25.31 25.39
CA LEU B 105 -17.80 -25.46 24.38
C LEU B 105 -17.77 -26.82 23.72
N LYS B 106 -16.61 -27.48 23.71
CA LYS B 106 -16.39 -28.69 22.94
C LYS B 106 -17.48 -29.71 23.24
N GLY B 107 -18.12 -30.18 22.19
CA GLY B 107 -19.13 -31.19 22.28
C GLY B 107 -20.53 -30.67 22.49
N HIS B 108 -20.70 -29.40 22.85
CA HIS B 108 -22.02 -28.87 23.19
C HIS B 108 -22.64 -28.06 22.07
N LEU B 109 -22.12 -28.11 20.85
CA LEU B 109 -22.64 -27.27 19.79
C LEU B 109 -23.61 -28.05 18.91
N LYS B 110 -24.46 -27.30 18.21
CA LYS B 110 -25.35 -27.87 17.21
C LYS B 110 -24.52 -28.53 16.10
N ALA B 111 -25.13 -29.51 15.45
CA ALA B 111 -24.40 -30.37 14.51
C ALA B 111 -23.87 -29.59 13.31
N ASN B 112 -24.74 -28.81 12.68
CA ASN B 112 -24.37 -28.11 11.46
C ASN B 112 -23.73 -26.75 11.73
N ALA B 113 -23.21 -26.52 12.93
CA ALA B 113 -22.80 -25.17 13.30
C ALA B 113 -21.50 -24.77 12.62
N THR B 114 -21.37 -23.45 12.34
CA THR B 114 -20.17 -22.90 11.73
C THR B 114 -19.65 -21.75 12.58
N GLY B 115 -18.40 -21.36 12.33
CA GLY B 115 -17.76 -20.34 13.14
C GLY B 115 -17.09 -19.30 12.26
N ILE B 116 -16.98 -18.09 12.79
CA ILE B 116 -16.12 -17.08 12.19
C ILE B 116 -15.26 -16.48 13.30
N SER B 117 -13.97 -16.47 13.07
CA SER B 117 -13.03 -15.93 14.03
C SER B 117 -12.66 -14.49 13.64
N LEU B 118 -12.79 -13.58 14.60
CA LEU B 118 -12.37 -12.18 14.47
C LEU B 118 -11.13 -11.90 15.28
N ILE B 119 -10.47 -12.96 15.78
CA ILE B 119 -9.34 -12.85 16.69
C ILE B 119 -8.09 -12.72 15.82
N LYS B 120 -7.51 -11.53 15.76
CA LYS B 120 -6.36 -11.26 14.90
C LYS B 120 -5.06 -11.62 15.62
N GLY B 121 -4.09 -12.16 14.88
CA GLY B 121 -2.86 -12.68 15.45
C GLY B 121 -2.87 -14.20 15.48
N VAL B 122 -1.69 -14.76 15.78
CA VAL B 122 -1.46 -16.19 15.64
C VAL B 122 -1.22 -16.80 17.03
N ASP B 123 -1.27 -18.14 17.06
CA ASP B 123 -0.97 -18.92 18.25
C ASP B 123 0.41 -19.57 18.11
N LEU B 129 4.14 -21.87 14.80
CA LEU B 129 3.06 -20.90 14.57
C LEU B 129 1.79 -21.61 14.10
N LYS B 130 0.66 -21.24 14.68
CA LYS B 130 -0.61 -21.88 14.34
C LYS B 130 -1.72 -20.85 14.34
N LEU B 131 -2.56 -20.91 13.31
CA LEU B 131 -3.66 -19.96 13.19
C LEU B 131 -4.71 -20.23 14.25
N ILE B 132 -5.17 -19.17 14.89
CA ILE B 132 -6.19 -19.28 15.92
C ILE B 132 -7.47 -19.94 15.40
N SER B 133 -7.82 -19.72 14.13
CA SER B 133 -9.06 -20.32 13.63
C SER B 133 -8.91 -21.83 13.50
N GLU B 134 -7.66 -22.30 13.33
CA GLU B 134 -7.36 -23.73 13.32
C GLU B 134 -7.50 -24.32 14.71
N VAL B 135 -6.94 -23.65 15.72
CA VAL B 135 -7.20 -24.02 17.10
C VAL B 135 -8.69 -24.21 17.32
N ILE B 136 -9.51 -23.22 16.94
CA ILE B 136 -10.94 -23.28 17.22
C ILE B 136 -11.59 -24.41 16.43
N GLY B 137 -11.39 -24.43 15.12
CA GLY B 137 -12.06 -25.38 14.28
C GLY B 137 -11.72 -26.83 14.61
N GLU B 138 -10.51 -27.08 15.11
CA GLU B 138 -10.09 -28.45 15.39
C GLU B 138 -10.61 -28.94 16.74
N ARG B 139 -10.62 -28.08 17.77
CA ARG B 139 -11.19 -28.47 19.05
C ARG B 139 -12.72 -28.60 18.96
N LEU B 140 -13.40 -27.66 18.28
CA LEU B 140 -14.85 -27.64 18.29
C LEU B 140 -15.46 -28.50 17.20
N GLY B 141 -14.72 -28.82 16.15
CA GLY B 141 -15.25 -29.61 15.07
C GLY B 141 -16.21 -28.90 14.13
N ILE B 142 -15.99 -27.62 13.87
CA ILE B 142 -16.94 -26.82 13.07
C ILE B 142 -16.19 -26.12 11.94
N PRO B 143 -16.78 -25.96 10.75
CA PRO B 143 -16.08 -25.21 9.69
C PRO B 143 -15.80 -23.78 10.16
N MET B 144 -14.61 -23.27 9.85
CA MET B 144 -14.21 -21.94 10.33
C MET B 144 -13.92 -20.94 9.20
N SER B 145 -14.39 -19.71 9.42
CA SER B 145 -14.11 -18.56 8.57
C SER B 145 -13.33 -17.54 9.40
N VAL B 146 -12.81 -16.49 8.74
CA VAL B 146 -12.13 -15.41 9.45
C VAL B 146 -12.61 -14.05 8.93
N LEU B 147 -12.52 -13.04 9.78
CA LEU B 147 -12.78 -11.64 9.42
C LEU B 147 -11.60 -10.80 9.90
N MET B 148 -10.93 -10.12 8.97
CA MET B 148 -9.67 -9.45 9.22
C MET B 148 -9.54 -8.26 8.26
N GLY B 149 -9.12 -7.11 8.76
CA GLY B 149 -8.94 -5.98 7.88
C GLY B 149 -8.45 -4.78 8.64
N ALA B 150 -8.30 -3.66 7.91
CA ALA B 150 -7.88 -2.40 8.53
C ALA B 150 -9.10 -1.82 9.24
N ASN B 151 -9.30 -2.24 10.47
CA ASN B 151 -10.38 -1.70 11.29
C ASN B 151 -10.06 -1.86 12.77
N ILE B 152 -10.70 -1.03 13.59
CA ILE B 152 -10.56 -1.13 15.03
C ILE B 152 -11.94 -0.99 15.65
N ALA B 153 -12.09 -1.55 16.86
CA ALA B 153 -13.43 -1.67 17.46
C ALA B 153 -14.07 -0.32 17.67
N SER B 154 -13.30 0.65 18.17
CA SER B 154 -13.89 1.96 18.50
C SER B 154 -14.46 2.62 17.27
N GLU B 155 -13.80 2.44 16.13
CA GLU B 155 -14.23 3.05 14.89
C GLU B 155 -15.44 2.34 14.31
N VAL B 156 -15.49 1.02 14.42
CA VAL B 156 -16.67 0.29 14.01
C VAL B 156 -17.87 0.68 14.87
N ALA B 157 -17.66 0.82 16.18
CA ALA B 157 -18.74 1.27 17.06
C ALA B 157 -19.27 2.64 16.64
N ASP B 158 -18.36 3.55 16.28
CA ASP B 158 -18.71 4.90 15.89
C ASP B 158 -19.14 5.01 14.44
N GLU B 159 -19.18 3.88 13.71
CA GLU B 159 -19.65 3.88 12.33
C GLU B 159 -18.75 4.75 11.44
N LYS B 160 -17.46 4.73 11.74
CA LYS B 160 -16.49 5.37 10.88
C LYS B 160 -16.16 4.43 9.73
N PHE B 161 -16.21 4.95 8.51
CA PHE B 161 -16.02 4.11 7.32
C PHE B 161 -14.72 3.31 7.37
N CYS B 162 -14.83 2.01 7.16
CA CYS B 162 -13.68 1.14 7.00
C CYS B 162 -14.15 -0.14 6.31
N GLU B 163 -13.20 -0.96 5.92
CA GLU B 163 -13.60 -2.21 5.27
C GLU B 163 -12.93 -3.36 6.01
N THR B 164 -13.34 -4.57 5.62
CA THR B 164 -12.73 -5.77 6.19
C THR B 164 -12.82 -6.87 5.12
N THR B 165 -12.08 -7.93 5.36
CA THR B 165 -12.05 -9.10 4.50
C THR B 165 -12.61 -10.25 5.29
N ILE B 166 -13.48 -11.01 4.68
CA ILE B 166 -13.91 -12.30 5.21
C ILE B 166 -13.25 -13.36 4.35
N GLY B 167 -12.55 -14.29 4.99
CA GLY B 167 -12.08 -15.46 4.32
C GLY B 167 -13.01 -16.61 4.64
N CYS B 168 -13.59 -17.21 3.60
CA CYS B 168 -14.52 -18.31 3.80
C CYS B 168 -14.47 -19.21 2.57
N LYS B 169 -14.23 -20.51 2.81
CA LYS B 169 -14.09 -21.46 1.71
C LYS B 169 -15.42 -21.75 1.04
N ASP B 170 -16.53 -21.79 1.79
CA ASP B 170 -17.84 -22.13 1.21
C ASP B 170 -18.55 -20.88 0.68
N PRO B 171 -18.89 -20.80 -0.60
CA PRO B 171 -19.44 -19.54 -1.12
C PRO B 171 -20.77 -19.15 -0.51
N ALA B 172 -21.62 -20.12 -0.20
CA ALA B 172 -22.92 -19.79 0.40
C ALA B 172 -22.74 -19.30 1.83
N GLN B 173 -21.85 -19.94 2.59
CA GLN B 173 -21.60 -19.48 3.94
C GLN B 173 -21.00 -18.07 3.93
N GLY B 174 -20.12 -17.80 2.96
CA GLY B 174 -19.49 -16.48 2.89
C GLY B 174 -20.49 -15.37 2.66
N GLN B 175 -21.47 -15.60 1.77
CA GLN B 175 -22.46 -14.57 1.47
C GLN B 175 -23.37 -14.32 2.67
N LEU B 176 -23.69 -15.37 3.41
CA LEU B 176 -24.43 -15.21 4.66
C LEU B 176 -23.63 -14.41 5.69
N LEU B 177 -22.33 -14.70 5.82
CA LEU B 177 -21.54 -13.94 6.79
C LEU B 177 -21.43 -12.48 6.38
N LYS B 178 -21.26 -12.23 5.08
CA LYS B 178 -21.25 -10.87 4.58
C LYS B 178 -22.57 -10.15 4.88
N GLU B 179 -23.69 -10.83 4.65
CA GLU B 179 -25.00 -10.24 4.96
C GLU B 179 -25.14 -9.96 6.45
N LEU B 180 -24.58 -10.82 7.31
CA LEU B 180 -24.70 -10.63 8.74
C LEU B 180 -23.90 -9.42 9.21
N MET B 181 -22.78 -9.13 8.55
CA MET B 181 -21.81 -8.17 9.06
C MET B 181 -21.75 -6.84 8.32
N GLN B 182 -22.25 -6.77 7.11
CA GLN B 182 -21.97 -5.61 6.29
C GLN B 182 -22.95 -4.48 6.55
N THR B 183 -22.43 -3.24 6.53
CA THR B 183 -23.23 -2.02 6.66
C THR B 183 -22.65 -0.94 5.76
N PRO B 184 -23.27 0.23 5.67
CA PRO B 184 -22.68 1.28 4.81
C PRO B 184 -21.30 1.71 5.25
N ASN B 185 -20.96 1.60 6.53
CA ASN B 185 -19.63 1.99 6.97
C ASN B 185 -18.73 0.84 7.37
N PHE B 186 -19.15 -0.39 7.12
CA PHE B 186 -18.33 -1.57 7.40
C PHE B 186 -18.49 -2.49 6.18
N ARG B 187 -17.62 -2.27 5.19
CA ARG B 187 -17.73 -2.88 3.86
C ARG B 187 -16.90 -4.15 3.83
N ILE B 188 -17.46 -5.22 3.26
CA ILE B 188 -16.87 -6.55 3.33
C ILE B 188 -16.56 -7.05 1.92
N THR B 189 -15.36 -7.60 1.76
CA THR B 189 -15.01 -8.41 0.61
C THR B 189 -14.81 -9.85 1.09
N VAL B 190 -15.47 -10.78 0.43
CA VAL B 190 -15.37 -12.20 0.76
C VAL B 190 -14.40 -12.82 -0.25
N VAL B 191 -13.38 -13.49 0.28
CA VAL B 191 -12.51 -14.31 -0.54
C VAL B 191 -12.48 -15.71 0.06
N GLN B 192 -12.05 -16.67 -0.75
CA GLN B 192 -12.09 -18.07 -0.32
C GLN B 192 -10.81 -18.57 0.32
N GLU B 193 -9.74 -17.78 0.36
CA GLU B 193 -8.47 -18.21 0.96
C GLU B 193 -8.42 -17.83 2.44
N VAL B 194 -8.98 -18.72 3.27
CA VAL B 194 -9.04 -18.50 4.71
C VAL B 194 -7.65 -18.30 5.31
N ASP B 195 -6.72 -19.21 5.03
CA ASP B 195 -5.42 -19.14 5.69
C ASP B 195 -4.66 -17.89 5.29
N THR B 196 -4.73 -17.51 4.02
CA THR B 196 -4.03 -16.32 3.58
C THR B 196 -4.52 -15.07 4.30
N VAL B 197 -5.84 -14.92 4.42
CA VAL B 197 -6.40 -13.78 5.13
C VAL B 197 -5.84 -13.73 6.53
N GLU B 198 -5.83 -14.88 7.22
CA GLU B 198 -5.51 -14.87 8.62
C GLU B 198 -4.03 -14.66 8.89
N ILE B 199 -3.15 -15.18 8.03
CA ILE B 199 -1.73 -15.05 8.33
C ILE B 199 -1.28 -13.61 8.18
N CYS B 200 -1.91 -12.82 7.30
CA CYS B 200 -1.55 -11.41 7.16
C CYS B 200 -1.53 -10.71 8.50
N GLY B 201 -2.59 -10.93 9.30
CA GLY B 201 -2.72 -10.28 10.60
C GLY B 201 -1.53 -10.49 11.51
N ALA B 202 -0.87 -11.65 11.42
CA ALA B 202 0.30 -11.88 12.23
C ALA B 202 1.55 -11.31 11.58
N LEU B 203 1.70 -11.49 10.27
CA LEU B 203 2.96 -11.11 9.64
C LEU B 203 3.09 -9.60 9.53
N LYS B 204 1.97 -8.88 9.46
CA LYS B 204 2.04 -7.43 9.26
C LYS B 204 2.81 -6.78 10.40
N ASN B 205 2.74 -7.37 11.61
CA ASN B 205 3.39 -6.74 12.75
C ASN B 205 4.90 -6.86 12.69
N VAL B 206 5.41 -7.88 12.01
CA VAL B 206 6.86 -7.95 11.76
C VAL B 206 7.28 -6.81 10.85
N VAL B 207 6.54 -6.59 9.77
CA VAL B 207 6.88 -5.50 8.87
C VAL B 207 6.78 -4.16 9.58
N ALA B 208 5.79 -4.02 10.46
CA ALA B 208 5.60 -2.77 11.19
C ALA B 208 6.80 -2.45 12.08
N VAL B 209 7.35 -3.46 12.76
CA VAL B 209 8.57 -3.24 13.52
C VAL B 209 9.69 -2.75 12.59
N GLY B 210 9.79 -3.35 11.41
CA GLY B 210 10.78 -2.89 10.46
C GLY B 210 10.53 -1.48 10.02
N ALA B 211 9.27 -1.14 9.78
CA ALA B 211 8.95 0.22 9.38
C ALA B 211 9.28 1.18 10.51
N GLY B 212 9.06 0.78 11.75
CA GLY B 212 9.42 1.65 12.86
C GLY B 212 10.91 1.85 12.95
N PHE B 213 11.69 0.77 12.77
CA PHE B 213 13.14 0.94 12.67
C PHE B 213 13.51 2.01 11.67
N CYS B 214 12.87 1.94 10.48
CA CYS B 214 13.14 2.90 9.41
C CYS B 214 12.83 4.33 9.85
N ASP B 215 11.70 4.54 10.54
CA ASP B 215 11.41 5.89 11.04
C ASP B 215 12.45 6.34 12.04
N GLY B 216 12.82 5.45 12.98
CA GLY B 216 13.76 5.80 14.03
C GLY B 216 15.17 6.06 13.52
N LEU B 217 15.53 5.47 12.40
CA LEU B 217 16.84 5.70 11.81
C LEU B 217 16.91 7.00 11.04
N GLY B 218 15.80 7.73 10.92
CA GLY B 218 15.82 8.98 10.24
C GLY B 218 15.56 8.92 8.76
N PHE B 219 15.10 7.78 8.24
CA PHE B 219 14.84 7.67 6.82
C PHE B 219 13.47 8.22 6.47
N GLY B 220 13.33 8.65 5.22
CA GLY B 220 12.12 9.25 4.73
C GLY B 220 11.10 8.24 4.24
N ASP B 221 10.05 8.80 3.64
CA ASP B 221 8.84 8.07 3.26
C ASP B 221 9.10 7.13 2.08
N ASN B 222 10.03 7.52 1.19
CA ASN B 222 10.36 6.64 0.06
C ASN B 222 11.11 5.41 0.55
N THR B 223 11.94 5.56 1.60
CA THR B 223 12.61 4.40 2.19
C THR B 223 11.62 3.55 2.98
N LYS B 224 10.75 4.19 3.76
CA LYS B 224 9.72 3.46 4.48
C LYS B 224 8.83 2.69 3.52
N ALA B 225 8.51 3.29 2.36
CA ALA B 225 7.62 2.59 1.42
C ALA B 225 8.28 1.34 0.83
N ALA B 226 9.60 1.37 0.63
CA ALA B 226 10.35 0.18 0.23
C ALA B 226 10.33 -0.89 1.29
N VAL B 227 10.46 -0.49 2.56
CA VAL B 227 10.44 -1.46 3.63
C VAL B 227 9.07 -2.13 3.73
N ILE B 228 8.02 -1.32 3.65
CA ILE B 228 6.67 -1.86 3.67
C ILE B 228 6.47 -2.83 2.51
N ARG B 229 6.93 -2.42 1.33
CA ARG B 229 6.67 -3.19 0.13
C ARG B 229 7.46 -4.49 0.14
N LEU B 230 8.73 -4.42 0.55
CA LEU B 230 9.51 -5.65 0.69
C LEU B 230 8.91 -6.54 1.76
N GLY B 231 8.44 -5.96 2.86
CA GLY B 231 7.75 -6.76 3.84
C GLY B 231 6.53 -7.46 3.26
N LEU B 232 5.76 -6.77 2.42
CA LEU B 232 4.61 -7.41 1.78
C LEU B 232 5.04 -8.55 0.88
N MET B 233 6.12 -8.38 0.12
CA MET B 233 6.61 -9.48 -0.70
C MET B 233 7.04 -10.67 0.17
N GLU B 234 7.63 -10.42 1.34
CA GLU B 234 8.00 -11.53 2.21
C GLU B 234 6.77 -12.16 2.82
N MET B 235 5.73 -11.36 3.08
CA MET B 235 4.48 -11.92 3.55
C MET B 235 3.91 -12.91 2.52
N ILE B 236 3.89 -12.50 1.26
CA ILE B 236 3.36 -13.34 0.19
C ILE B 236 4.19 -14.61 0.05
N ALA B 237 5.51 -14.46 -0.01
CA ALA B 237 6.38 -15.61 -0.17
C ALA B 237 6.20 -16.57 0.98
N PHE B 238 6.15 -16.05 2.20
CA PHE B 238 6.04 -16.92 3.36
C PHE B 238 4.70 -17.65 3.37
N ALA B 239 3.63 -16.95 3.03
CA ALA B 239 2.31 -17.57 2.99
C ALA B 239 2.26 -18.73 2.02
N LYS B 240 2.81 -18.56 0.81
CA LYS B 240 2.86 -19.64 -0.17
C LYS B 240 3.66 -20.84 0.33
N LEU B 241 4.56 -20.63 1.27
CA LEU B 241 5.44 -21.67 1.78
C LEU B 241 4.94 -22.27 3.09
N PHE B 242 4.10 -21.55 3.84
CA PHE B 242 3.63 -21.99 5.14
C PHE B 242 2.21 -22.52 5.08
N CYS B 243 1.31 -21.80 4.42
CA CYS B 243 -0.11 -22.11 4.51
C CYS B 243 -0.41 -23.39 3.72
N SER B 244 -0.92 -24.38 4.43
CA SER B 244 -1.38 -25.62 3.81
C SER B 244 -2.48 -25.37 2.79
N GLY B 245 -3.31 -24.36 3.02
CA GLY B 245 -4.32 -23.95 2.07
C GLY B 245 -3.73 -23.14 0.94
N PRO B 246 -4.55 -22.87 -0.08
CA PRO B 246 -4.06 -22.14 -1.25
C PRO B 246 -3.71 -20.69 -0.95
N VAL B 247 -2.83 -20.14 -1.78
CA VAL B 247 -2.31 -18.79 -1.56
C VAL B 247 -2.04 -18.09 -2.88
N SER B 248 -2.73 -16.97 -3.13
CA SER B 248 -2.44 -16.15 -4.29
C SER B 248 -2.07 -14.73 -3.86
N SER B 249 -1.14 -14.13 -4.60
CA SER B 249 -0.72 -12.78 -4.26
C SER B 249 -1.91 -11.81 -4.29
N ALA B 250 -2.94 -12.13 -5.08
CA ALA B 250 -4.11 -11.27 -5.23
C ALA B 250 -4.90 -11.10 -3.93
N THR B 251 -4.85 -12.08 -3.04
CA THR B 251 -5.51 -11.91 -1.74
C THR B 251 -4.87 -10.79 -0.91
N PHE B 252 -3.59 -10.50 -1.15
CA PHE B 252 -2.89 -9.50 -0.36
C PHE B 252 -3.24 -8.08 -0.78
N LEU B 253 -3.97 -7.90 -1.88
CA LEU B 253 -4.56 -6.59 -2.22
C LEU B 253 -5.84 -6.29 -1.42
N GLU B 254 -6.35 -7.24 -0.66
CA GLU B 254 -7.53 -7.04 0.16
C GLU B 254 -7.17 -6.26 1.42
N SER B 255 -8.20 -5.81 2.15
CA SER B 255 -8.01 -5.03 3.37
C SER B 255 -7.08 -5.73 4.36
N CYS B 256 -7.24 -7.05 4.49
CA CYS B 256 -6.42 -7.84 5.38
C CYS B 256 -4.95 -7.75 5.04
N GLY B 257 -4.60 -7.43 3.80
CA GLY B 257 -3.22 -7.40 3.36
C GLY B 257 -2.71 -5.97 3.33
N VAL B 258 -2.76 -5.35 2.16
CA VAL B 258 -2.12 -4.05 1.97
C VAL B 258 -2.69 -2.97 2.90
N ALA B 259 -4.01 -2.95 3.12
CA ALA B 259 -4.57 -1.84 3.89
C ALA B 259 -4.16 -1.96 5.35
N ASP B 260 -4.29 -3.16 5.92
CA ASP B 260 -3.95 -3.34 7.32
C ASP B 260 -2.46 -3.14 7.53
N LEU B 261 -1.66 -3.58 6.56
CA LEU B 261 -0.23 -3.32 6.59
C LEU B 261 0.07 -1.82 6.59
N ILE B 262 -0.58 -1.06 5.71
CA ILE B 262 -0.32 0.36 5.67
C ILE B 262 -0.64 1.03 7.01
N THR B 263 -1.84 0.78 7.54
CA THR B 263 -2.25 1.45 8.78
C THR B 263 -1.40 1.02 9.98
N THR B 264 -0.95 -0.24 10.02
CA THR B 264 -0.09 -0.69 11.11
C THR B 264 1.30 -0.06 11.02
N CYS B 265 1.82 0.06 9.79
CA CYS B 265 3.15 0.63 9.61
C CYS B 265 3.19 2.15 9.74
N TYR B 266 2.04 2.82 9.69
CA TYR B 266 1.99 4.26 9.91
C TYR B 266 1.45 4.61 11.29
N GLY B 267 0.89 3.65 12.02
CA GLY B 267 0.23 3.96 13.27
C GLY B 267 -0.18 2.70 14.01
N GLY B 268 0.54 2.40 15.06
CA GLY B 268 0.32 1.19 15.81
C GLY B 268 1.47 1.01 16.76
N ALA B 269 1.28 0.06 17.66
CA ALA B 269 2.19 -0.15 18.77
C ALA B 269 3.56 -0.64 18.30
N ASN B 270 3.57 -1.64 17.42
CA ASN B 270 4.82 -2.17 16.88
C ASN B 270 5.69 -1.07 16.24
N ARG B 271 5.09 -0.21 15.41
CA ARG B 271 5.86 0.87 14.80
C ARG B 271 6.35 1.86 15.87
N LYS B 272 5.49 2.22 16.83
CA LYS B 272 5.82 3.30 17.77
C LYS B 272 7.03 2.94 18.61
N VAL B 273 7.00 1.76 19.23
CA VAL B 273 8.12 1.28 20.01
C VAL B 273 9.37 1.18 19.16
N ALA B 274 9.28 0.46 18.02
CA ALA B 274 10.44 0.24 17.16
C ALA B 274 11.13 1.53 16.82
N GLU B 275 10.35 2.59 16.54
CA GLU B 275 10.93 3.90 16.31
C GLU B 275 11.67 4.40 17.54
N ALA B 276 11.01 4.39 18.70
CA ALA B 276 11.64 4.94 19.90
C ALA B 276 12.90 4.17 20.25
N PHE B 277 12.86 2.84 20.07
CA PHE B 277 14.02 2.00 20.35
C PHE B 277 15.18 2.34 19.44
N ALA B 278 14.93 2.53 18.15
CA ALA B 278 16.00 2.87 17.23
C ALA B 278 16.48 4.31 17.43
N ARG B 279 15.61 5.21 17.90
CA ARG B 279 16.02 6.61 18.07
C ARG B 279 16.89 6.77 19.30
N THR B 280 16.48 6.14 20.41
CA THR B 280 17.02 6.39 21.74
C THR B 280 17.82 5.22 22.28
N GLY B 281 17.74 4.04 21.66
CA GLY B 281 18.34 2.84 22.20
C GLY B 281 17.75 2.48 23.54
N LYS B 282 16.65 3.10 23.90
CA LYS B 282 15.83 2.60 25.01
C LYS B 282 15.45 1.15 24.75
N SER B 283 15.50 0.34 25.79
CA SER B 283 15.50 -1.11 25.69
C SER B 283 14.50 -1.73 24.72
N ILE B 284 13.22 -1.59 25.02
CA ILE B 284 12.14 -2.40 24.46
C ILE B 284 11.09 -2.47 25.54
N GLU B 285 11.43 -3.14 26.64
CA GLU B 285 10.51 -3.31 27.76
C GLU B 285 10.19 -1.97 28.40
N GLN B 286 11.21 -1.16 28.64
CA GLN B 286 10.97 0.16 29.23
C GLN B 286 10.16 1.03 28.28
N LEU B 287 10.38 0.88 26.97
CA LEU B 287 9.47 1.43 25.97
C LEU B 287 8.10 0.76 26.06
N GLU B 288 8.07 -0.57 26.11
CA GLU B 288 6.82 -1.30 26.32
C GLU B 288 6.01 -0.68 27.46
N LYS B 289 6.59 -0.65 28.66
CA LYS B 289 5.89 -0.11 29.82
C LYS B 289 5.59 1.39 29.65
N GLU B 290 6.60 2.18 29.29
CA GLU B 290 6.48 3.64 29.28
C GLU B 290 5.20 4.15 28.58
N LEU B 297 4.14 -5.97 22.31
CA LEU B 297 4.48 -6.21 20.89
C LEU B 297 4.46 -7.69 20.55
N GLN B 298 3.57 -8.06 19.62
CA GLN B 298 3.59 -9.41 19.05
C GLN B 298 4.50 -9.52 17.83
N GLY B 299 4.90 -8.39 17.23
CA GLY B 299 5.73 -8.42 16.05
C GLY B 299 7.01 -9.21 16.25
N PRO B 300 7.80 -8.80 17.24
CA PRO B 300 9.05 -9.55 17.53
C PRO B 300 8.82 -11.03 17.82
N GLU B 301 7.86 -11.36 18.69
CA GLU B 301 7.58 -12.77 18.98
C GLU B 301 7.34 -13.56 17.72
N THR B 302 6.50 -13.00 16.82
CA THR B 302 6.23 -13.66 15.54
C THR B 302 7.50 -13.82 14.72
N ALA B 303 8.38 -12.82 14.74
CA ALA B 303 9.65 -12.92 14.03
C ALA B 303 10.42 -14.15 14.50
N ARG B 304 10.43 -14.39 15.81
CA ARG B 304 11.14 -15.53 16.36
C ARG B 304 10.62 -16.82 15.77
N GLU B 305 9.29 -16.98 15.80
CA GLU B 305 8.65 -18.16 15.24
C GLU B 305 8.97 -18.31 13.77
N LEU B 306 9.05 -17.19 13.05
CA LEU B 306 9.38 -17.25 11.63
C LEU B 306 10.79 -17.83 11.46
N TYR B 307 11.72 -17.34 12.25
CA TYR B 307 13.08 -17.84 12.20
C TYR B 307 13.08 -19.36 12.35
N SER B 308 12.34 -19.87 13.33
CA SER B 308 12.34 -21.30 13.60
C SER B 308 11.84 -22.09 12.39
N ILE B 309 10.74 -21.66 11.77
CA ILE B 309 10.25 -22.52 10.70
C ILE B 309 11.08 -22.33 9.42
N LEU B 310 11.68 -21.15 9.22
CA LEU B 310 12.53 -20.96 8.04
C LEU B 310 13.79 -21.82 8.13
N GLN B 311 14.35 -21.97 9.33
CA GLN B 311 15.40 -22.97 9.51
C GLN B 311 14.95 -24.31 8.98
N HIS B 312 13.83 -24.82 9.49
CA HIS B 312 13.38 -26.14 9.09
C HIS B 312 13.26 -26.26 7.57
N LYS B 313 12.76 -25.21 6.90
CA LYS B 313 12.61 -25.28 5.45
C LYS B 313 13.89 -24.96 4.70
N GLY B 314 14.93 -24.49 5.38
CA GLY B 314 16.18 -24.14 4.72
C GLY B 314 16.14 -22.83 3.97
N LEU B 315 15.31 -21.88 4.41
CA LEU B 315 15.03 -20.69 3.63
C LEU B 315 15.25 -19.40 4.41
N VAL B 316 16.09 -19.42 5.46
CA VAL B 316 16.35 -18.21 6.24
C VAL B 316 16.86 -17.07 5.36
N ASP B 317 17.72 -17.40 4.39
CA ASP B 317 18.33 -16.40 3.53
C ASP B 317 17.33 -15.69 2.63
N LYS B 318 16.17 -16.28 2.38
CA LYS B 318 15.17 -15.75 1.47
C LYS B 318 14.25 -14.74 2.14
N PHE B 319 14.41 -14.46 3.42
CA PHE B 319 13.52 -13.54 4.14
C PHE B 319 14.32 -12.55 5.00
N PRO B 320 15.16 -11.74 4.38
CA PRO B 320 16.06 -10.87 5.18
C PRO B 320 15.35 -9.79 6.00
N LEU B 321 14.21 -9.27 5.53
CA LEU B 321 13.49 -8.32 6.37
C LEU B 321 12.95 -9.01 7.62
N PHE B 322 12.22 -10.11 7.45
CA PHE B 322 11.75 -10.86 8.60
C PHE B 322 12.92 -11.21 9.54
N MET B 323 14.04 -11.66 8.98
CA MET B 323 15.14 -12.08 9.85
C MET B 323 15.90 -10.91 10.45
N ALA B 324 15.96 -9.76 9.76
CA ALA B 324 16.61 -8.60 10.37
C ALA B 324 15.83 -8.10 11.58
N VAL B 325 14.50 -8.21 11.57
CA VAL B 325 13.71 -7.86 12.75
C VAL B 325 14.02 -8.84 13.89
N TYR B 326 13.96 -10.14 13.63
CA TYR B 326 14.30 -11.13 14.66
C TYR B 326 15.70 -10.89 15.23
N LYS B 327 16.72 -10.87 14.36
CA LYS B 327 18.09 -10.68 14.83
C LYS B 327 18.28 -9.36 15.58
N VAL B 328 17.56 -8.30 15.19
CA VAL B 328 17.73 -7.02 15.87
C VAL B 328 17.02 -7.04 17.22
N CYS B 329 15.94 -7.82 17.35
CA CYS B 329 15.21 -7.87 18.61
C CYS B 329 15.81 -8.88 19.58
N TYR B 330 16.35 -10.01 19.08
CA TYR B 330 16.73 -11.12 19.95
C TYR B 330 18.21 -11.51 19.91
N GLU B 331 18.98 -11.09 18.91
CA GLU B 331 20.37 -11.54 18.80
C GLU B 331 21.36 -10.37 18.81
N GLY B 332 20.95 -9.21 19.29
CA GLY B 332 21.86 -8.11 19.48
C GLY B 332 22.23 -7.34 18.23
N GLN B 333 21.80 -7.79 17.05
CA GLN B 333 22.17 -7.09 15.83
C GLN B 333 21.90 -5.60 15.99
N PRO B 334 22.83 -4.73 15.64
CA PRO B 334 22.58 -3.30 15.77
C PRO B 334 21.45 -2.87 14.85
N VAL B 335 20.46 -2.18 15.44
CA VAL B 335 19.34 -1.68 14.66
C VAL B 335 19.82 -1.01 13.40
N GLY B 336 20.96 -0.32 13.51
CA GLY B 336 21.53 0.42 12.40
C GLY B 336 21.87 -0.41 11.19
N GLU B 337 21.92 -1.74 11.31
CA GLU B 337 22.12 -2.64 10.17
C GLU B 337 20.84 -2.99 9.43
N PHE B 338 19.67 -2.54 9.91
CA PHE B 338 18.42 -3.03 9.32
C PHE B 338 18.33 -2.71 7.83
N ILE B 339 18.68 -1.50 7.43
CA ILE B 339 18.52 -1.15 6.02
C ILE B 339 19.56 -1.89 5.19
N HIS B 340 20.78 -2.01 5.70
CA HIS B 340 21.79 -2.82 5.01
C HIS B 340 21.27 -4.20 4.68
N CYS B 341 20.43 -4.78 5.55
CA CYS B 341 19.93 -6.12 5.30
C CYS B 341 18.99 -6.20 4.10
N LEU B 342 18.49 -5.08 3.61
CA LEU B 342 17.61 -5.04 2.44
C LEU B 342 18.33 -4.74 1.12
N GLN B 343 19.66 -4.56 1.15
CA GLN B 343 20.39 -4.08 -0.02
C GLN B 343 20.75 -5.20 -1.01
N ASN B 344 20.47 -6.44 -0.68
CA ASN B 344 20.64 -7.55 -1.63
C ASN B 344 19.46 -8.50 -1.49
N HIS B 345 18.24 -7.94 -1.60
CA HIS B 345 17.04 -8.67 -1.31
C HIS B 345 16.66 -9.59 -2.47
N PRO B 346 16.08 -10.76 -2.18
CA PRO B 346 15.67 -11.66 -3.29
C PRO B 346 14.80 -11.00 -4.34
N GLU B 347 13.95 -10.03 -3.95
CA GLU B 347 13.10 -9.41 -4.95
C GLU B 347 13.89 -8.69 -6.04
N HIS B 348 15.12 -8.27 -5.75
CA HIS B 348 15.95 -7.53 -6.69
C HIS B 348 17.04 -8.38 -7.37
N MET B 349 17.01 -9.67 -7.17
CA MET B 349 17.93 -10.63 -7.79
C MET B 349 17.45 -11.03 -9.17
#